data_5ZBB
#
_entry.id   5ZBB
#
_cell.length_a   112.251
_cell.length_b   112.251
_cell.length_c   333.057
_cell.angle_alpha   90.000
_cell.angle_beta   90.000
_cell.angle_gamma   120.000
#
_symmetry.space_group_name_H-M   'P 65 2 2'
#
loop_
_entity.id
_entity.type
_entity.pdbx_description
1 polymer 'DNA damage response protein Rtt109, putative'
2 polymer 'Histone chaperone asf1'
3 polymer 'Histone H3'
4 polymer 'Histone H4'
5 non-polymer 'IODIDE ION'
6 non-polymer DI(HYDROXYETHYL)ETHER
7 non-polymer GLYCEROL
#
loop_
_entity_poly.entity_id
_entity_poly.type
_entity_poly.pdbx_seq_one_letter_code
_entity_poly.pdbx_strand_id
1 'polypeptide(L)'
;SMSKVDVDLGDSLAKVLPTGVKVTIRHISSAPSPCVALFAAPPGEEPESTFCENHFLAVSISPNENEESEVIIFGIEVLV
YGTAHLTTIFVSKADSTGYLHLLKNAPKVSLLRLISNAFLSFLVQTHQRPGVRLMVSLFARAQNQYLFPGSIENPEKHVL
DDRGLIKWWCRVIDPILREYEPETGSHEKAVDDQTQESAKSSATAFLIVPGCDKFETRGFFPITARSDGKDRPRWLNSYP
LHQLCDNPNAPPRCLVPRFPDDP(ALY)TRFLIDLDDELPESTGAAGSKENSGHWRSVKSLAQFWEMMSFRQECSAGRLV
GFLWLVINPPGLVNSVQMTSSRVASRDVENVLSESAKTTHDATKQKDEAASVSSPPHPSTSGLQTSPIALPGVSSSDTHA
TVQQATGPSAFFWPDTGRGHAVLSEEDYKAAINFLIDQDFNTKHKAIASTKAWAEKVASLADQLWVGQRVEGRNATTEPG
QKHTDATTVINTAFVRKRKTADEESDKPGEVRGAPGDSEEVNPTPVQSNQAPSVNVLNANLLRKKKKT
;
A
2 'polypeptide(L)'
;MGSSHHHHHHSSGLVPRGSHMASMTGGQQMGRGSMSVVSLLGVKIVNNPAPFLAPYQFEITFECLEQLQKDLEWKLTYVG
SATSSEYDQELDSLLVGPIPVGVNKFLFEADAPDLKRIPTSEILGVTVILLTCSYDGREFVRVGYYVNNEYDSEELTQDP
PAKPIIERIRRNILAEKPRVTRFAIKWD
;
B
3 'polypeptide(L)'
;MARTKQTARKSTGGKAPRKQLASKAARKSAPSTGGVKKPHRYKPGTVALREIRRFQKSTELLIRKLPFQRLVREIAQDFK
TDLRFQSSAIGALQESVEAYLVSLFEDTNLAAIHAKRVTIQKKDIKLARRLRGERS
;
C
4 'polypeptide(L)'
;MSGRGKGGKGLGKGGAKRHRKILRDNIQGITKPAIRRLARRGGVKRISGLIYEEVRAVLKSFLESVIRDSVTYTEHAKRK
TVTSLDVVYALKRQGRTLYGFGG
;
D
#
# COMPACT_ATOMS: atom_id res chain seq x y z
N ASP A 8 -23.44 -25.71 5.72
CA ASP A 8 -24.11 -24.67 4.96
C ASP A 8 -23.54 -23.29 5.29
N LEU A 9 -23.03 -22.61 4.27
CA LEU A 9 -22.42 -21.29 4.42
C LEU A 9 -23.48 -20.19 4.49
N GLY A 10 -24.60 -20.41 3.81
CA GLY A 10 -25.68 -19.44 3.81
C GLY A 10 -26.16 -19.18 5.22
N ASP A 11 -26.28 -20.25 6.00
CA ASP A 11 -26.71 -20.15 7.39
C ASP A 11 -25.68 -19.42 8.24
N SER A 12 -24.44 -19.89 8.16
CA SER A 12 -23.32 -19.31 8.91
C SER A 12 -23.21 -17.81 8.68
N LEU A 13 -23.41 -17.39 7.43
CA LEU A 13 -23.40 -15.98 7.08
C LEU A 13 -24.65 -15.27 7.57
N ALA A 14 -25.78 -16.00 7.54
CA ALA A 14 -27.06 -15.44 7.93
C ALA A 14 -27.09 -15.08 9.40
N LYS A 15 -26.36 -15.86 10.20
CA LYS A 15 -26.31 -15.68 11.64
C LYS A 15 -25.62 -14.37 12.03
N VAL A 16 -24.68 -13.93 11.20
CA VAL A 16 -23.85 -12.77 11.52
C VAL A 16 -24.47 -11.46 11.01
N LEU A 17 -25.02 -11.49 9.80
CA LEU A 17 -25.65 -10.31 9.21
C LEU A 17 -26.81 -9.80 10.06
N PRO A 18 -27.04 -8.47 10.04
CA PRO A 18 -28.16 -7.84 10.76
C PRO A 18 -29.52 -8.33 10.29
N THR A 19 -30.51 -8.25 11.17
CA THR A 19 -31.86 -8.69 10.84
C THR A 19 -32.47 -7.81 9.75
N GLY A 20 -33.05 -8.44 8.73
CA GLY A 20 -33.75 -7.73 7.68
C GLY A 20 -32.92 -7.52 6.44
N VAL A 21 -31.61 -7.67 6.59
CA VAL A 21 -30.69 -7.49 5.47
C VAL A 21 -30.72 -8.70 4.55
N LYS A 22 -31.31 -8.53 3.37
CA LYS A 22 -31.40 -9.61 2.40
C LYS A 22 -30.35 -9.47 1.31
N VAL A 23 -29.52 -10.51 1.18
CA VAL A 23 -28.49 -10.54 0.15
C VAL A 23 -28.58 -11.85 -0.63
N THR A 24 -27.66 -12.03 -1.56
CA THR A 24 -27.58 -13.25 -2.35
C THR A 24 -26.12 -13.62 -2.54
N ILE A 25 -25.81 -14.90 -2.35
CA ILE A 25 -24.42 -15.32 -2.43
C ILE A 25 -24.21 -16.38 -3.49
N ARG A 26 -23.00 -16.36 -4.05
CA ARG A 26 -22.55 -17.41 -4.94
C ARG A 26 -21.15 -17.83 -4.56
N HIS A 27 -21.00 -19.11 -4.22
CA HIS A 27 -19.73 -19.65 -3.76
C HIS A 27 -19.18 -20.65 -4.76
N ILE A 28 -18.17 -20.23 -5.52
CA ILE A 28 -17.57 -21.08 -6.54
C ILE A 28 -16.28 -21.70 -6.02
N SER A 29 -16.22 -23.02 -6.02
CA SER A 29 -15.00 -23.70 -5.55
C SER A 29 -14.52 -24.73 -6.57
N SER A 30 -13.40 -25.37 -6.25
CA SER A 30 -12.84 -26.41 -7.11
C SER A 30 -12.43 -27.62 -6.28
N ALA A 31 -12.32 -28.76 -6.94
CA ALA A 31 -11.89 -29.98 -6.27
C ALA A 31 -10.41 -29.88 -5.91
N PRO A 32 -10.06 -30.32 -4.70
CA PRO A 32 -8.67 -30.34 -4.23
C PRO A 32 -7.79 -31.18 -5.13
N SER A 33 -6.89 -30.52 -5.87
CA SER A 33 -6.04 -31.23 -6.81
C SER A 33 -4.56 -31.00 -6.49
N PRO A 34 -3.70 -31.94 -6.88
CA PRO A 34 -2.25 -31.78 -6.67
C PRO A 34 -1.71 -30.52 -7.30
N CYS A 35 -0.75 -29.90 -6.62
CA CYS A 35 -0.18 -28.64 -7.08
C CYS A 35 1.28 -28.54 -6.68
N VAL A 36 1.86 -27.36 -6.86
CA VAL A 36 3.25 -27.13 -6.50
C VAL A 36 3.35 -26.87 -5.00
N ALA A 37 4.48 -27.27 -4.41
CA ALA A 37 4.68 -27.11 -2.98
C ALA A 37 4.68 -25.63 -2.59
N LEU A 38 4.01 -25.31 -1.49
CA LEU A 38 3.91 -23.94 -1.03
C LEU A 38 5.24 -23.46 -0.45
N PHE A 39 6.03 -24.41 0.04
CA PHE A 39 7.35 -24.10 0.59
C PHE A 39 8.45 -24.76 -0.22
N ALA A 40 9.54 -24.03 -0.40
CA ALA A 40 10.69 -24.52 -1.15
C ALA A 40 11.27 -25.78 -0.54
N ALA A 41 11.74 -26.68 -1.40
CA ALA A 41 12.30 -27.96 -0.95
C ALA A 41 13.70 -27.78 -0.40
N PRO A 42 13.95 -28.28 0.82
CA PRO A 42 15.30 -28.32 1.38
C PRO A 42 16.22 -29.15 0.49
N PRO A 43 17.53 -28.87 0.51
CA PRO A 43 18.47 -29.58 -0.38
C PRO A 43 18.47 -31.09 -0.15
N GLY A 44 18.50 -31.85 -1.24
CA GLY A 44 18.58 -33.30 -1.17
C GLY A 44 17.26 -33.99 -0.85
N GLU A 45 16.17 -33.23 -0.93
CA GLU A 45 14.85 -33.77 -0.62
C GLU A 45 13.83 -33.40 -1.69
N GLU A 46 12.83 -34.27 -1.85
CA GLU A 46 11.69 -33.96 -2.72
C GLU A 46 10.75 -33.02 -1.98
N PRO A 47 10.06 -32.14 -2.72
CA PRO A 47 9.09 -31.23 -2.09
C PRO A 47 7.89 -32.00 -1.55
N GLU A 48 7.33 -31.56 -0.43
CA GLU A 48 6.16 -32.22 0.13
C GLU A 48 4.97 -32.09 -0.80
N SER A 49 4.21 -33.17 -0.96
CA SER A 49 3.05 -33.15 -1.84
C SER A 49 1.99 -32.20 -1.28
N THR A 50 1.43 -31.37 -2.16
CA THR A 50 0.48 -30.35 -1.74
C THR A 50 -0.81 -30.40 -2.56
N PHE A 51 -1.95 -30.29 -1.87
CA PHE A 51 -3.24 -30.26 -2.53
C PHE A 51 -3.89 -28.88 -2.43
N CYS A 52 -4.06 -28.23 -3.58
CA CYS A 52 -4.65 -26.90 -3.62
C CYS A 52 -6.14 -26.97 -3.91
N GLU A 53 -6.86 -25.93 -3.49
CA GLU A 53 -8.31 -25.88 -3.63
C GLU A 53 -8.79 -24.44 -3.66
N ASN A 54 -9.40 -24.04 -4.78
CA ASN A 54 -9.83 -22.66 -4.97
C ASN A 54 -11.19 -22.35 -4.36
N HIS A 55 -11.40 -21.09 -4.00
CA HIS A 55 -12.68 -20.64 -3.46
C HIS A 55 -12.94 -19.18 -3.83
N PHE A 56 -14.20 -18.84 -4.05
CA PHE A 56 -14.58 -17.48 -4.38
C PHE A 56 -16.00 -17.20 -3.94
N LEU A 57 -16.18 -16.15 -3.15
CA LEU A 57 -17.49 -15.76 -2.70
C LEU A 57 -17.89 -14.45 -3.36
N ALA A 58 -19.10 -14.42 -3.90
CA ALA A 58 -19.63 -13.22 -4.53
C ALA A 58 -20.95 -12.86 -3.88
N VAL A 59 -20.95 -11.72 -3.19
CA VAL A 59 -22.17 -11.25 -2.53
C VAL A 59 -22.79 -10.11 -3.33
N SER A 60 -24.07 -10.27 -3.63
CA SER A 60 -24.83 -9.28 -4.40
C SER A 60 -26.15 -8.93 -3.72
N ILE A 61 -26.75 -7.82 -4.12
CA ILE A 61 -28.02 -7.35 -3.55
C ILE A 61 -29.01 -6.96 -4.65
N SER A 62 -30.03 -6.20 -4.27
CA SER A 62 -31.01 -5.72 -5.24
C SER A 62 -31.44 -4.27 -4.94
N PRO A 63 -31.33 -3.38 -5.92
CA PRO A 63 -31.75 -1.98 -5.75
C PRO A 63 -33.26 -1.86 -5.54
N ASN A 64 -34.00 -2.88 -5.96
CA ASN A 64 -35.44 -2.94 -5.79
C ASN A 64 -35.88 -4.31 -5.26
N GLU A 65 -36.84 -4.30 -4.34
CA GLU A 65 -37.25 -5.53 -3.66
C GLU A 65 -38.04 -6.49 -4.54
N ASN A 66 -38.73 -5.95 -5.55
CA ASN A 66 -39.60 -6.76 -6.39
C ASN A 66 -38.92 -7.31 -7.64
N GLU A 67 -38.39 -6.43 -8.49
CA GLU A 67 -37.79 -6.85 -9.74
C GLU A 67 -36.49 -7.64 -9.54
N GLU A 68 -35.96 -8.19 -10.63
CA GLU A 68 -34.85 -9.12 -10.55
C GLU A 68 -33.47 -8.46 -10.73
N SER A 69 -33.42 -7.14 -10.59
CA SER A 69 -32.16 -6.42 -10.73
C SER A 69 -31.17 -6.81 -9.64
N GLU A 70 -30.07 -7.43 -10.04
CA GLU A 70 -29.08 -7.94 -9.10
C GLU A 70 -27.74 -7.23 -9.30
N VAL A 71 -27.12 -6.82 -8.20
CA VAL A 71 -25.86 -6.07 -8.25
C VAL A 71 -24.83 -6.65 -7.30
N ILE A 72 -23.66 -7.03 -7.81
CA ILE A 72 -22.57 -7.50 -6.96
C ILE A 72 -22.00 -6.38 -6.10
N ILE A 73 -22.03 -6.55 -4.79
CA ILE A 73 -21.49 -5.55 -3.89
C ILE A 73 -20.13 -5.94 -3.34
N PHE A 74 -19.82 -7.23 -3.34
CA PHE A 74 -18.56 -7.68 -2.76
C PHE A 74 -18.07 -8.97 -3.38
N GLY A 75 -16.75 -9.15 -3.40
CA GLY A 75 -16.16 -10.36 -3.94
C GLY A 75 -14.84 -10.69 -3.28
N ILE A 76 -14.65 -11.94 -2.89
CA ILE A 76 -13.40 -12.31 -2.25
C ILE A 76 -12.94 -13.70 -2.68
N GLU A 77 -11.63 -13.85 -2.92
CA GLU A 77 -11.09 -15.12 -3.38
C GLU A 77 -10.10 -15.71 -2.39
N VAL A 78 -10.26 -17.01 -2.11
CA VAL A 78 -9.44 -17.69 -1.13
C VAL A 78 -8.85 -18.97 -1.67
N LEU A 79 -7.53 -19.10 -1.61
CA LEU A 79 -6.86 -20.36 -1.93
C LEU A 79 -6.67 -21.17 -0.66
N VAL A 80 -6.78 -22.49 -0.78
CA VAL A 80 -6.57 -23.37 0.35
C VAL A 80 -5.52 -24.41 0.02
N TYR A 81 -4.47 -24.46 0.82
CA TYR A 81 -3.36 -25.37 0.61
C TYR A 81 -3.38 -26.47 1.67
N GLY A 82 -3.08 -27.70 1.25
CA GLY A 82 -3.07 -28.81 2.17
C GLY A 82 -1.86 -29.71 2.03
N THR A 83 -0.98 -29.68 3.04
CA THR A 83 0.12 -30.63 3.11
C THR A 83 -0.04 -31.46 4.37
N ALA A 84 0.67 -32.59 4.43
CA ALA A 84 0.49 -33.58 5.48
C ALA A 84 0.56 -33.02 6.90
N HIS A 85 1.18 -31.84 7.06
CA HIS A 85 1.35 -31.26 8.38
C HIS A 85 0.83 -29.83 8.47
N LEU A 86 0.16 -29.35 7.45
CA LEU A 86 -0.24 -27.94 7.43
C LEU A 86 -1.42 -27.63 6.52
N THR A 87 -2.30 -26.76 7.01
CA THR A 87 -3.39 -26.22 6.20
C THR A 87 -3.25 -24.71 6.10
N THR A 88 -3.12 -24.20 4.87
CA THR A 88 -2.88 -22.77 4.70
C THR A 88 -4.04 -22.09 3.98
N ILE A 89 -4.66 -21.13 4.64
CA ILE A 89 -5.74 -20.38 4.03
C ILE A 89 -5.24 -19.00 3.60
N PHE A 90 -5.11 -18.83 2.29
CA PHE A 90 -4.56 -17.61 1.73
C PHE A 90 -5.66 -16.75 1.13
N VAL A 91 -5.75 -15.51 1.56
CA VAL A 91 -6.68 -14.56 0.97
C VAL A 91 -5.98 -13.80 -0.14
N SER A 92 -6.26 -14.19 -1.38
CA SER A 92 -5.57 -13.58 -2.52
C SER A 92 -6.06 -12.16 -2.74
N LYS A 93 -7.27 -12.03 -3.25
CA LYS A 93 -7.84 -10.73 -3.58
C LYS A 93 -9.20 -10.55 -2.93
N ALA A 94 -9.58 -9.31 -2.70
CA ALA A 94 -10.92 -8.99 -2.21
C ALA A 94 -11.27 -7.57 -2.61
N ASP A 95 -12.40 -7.40 -3.27
CA ASP A 95 -12.79 -6.09 -3.75
C ASP A 95 -14.29 -5.83 -3.59
N SER A 96 -14.67 -4.55 -3.73
CA SER A 96 -16.07 -4.15 -3.67
C SER A 96 -16.43 -3.25 -4.84
N THR A 97 -17.72 -3.09 -5.10
CA THR A 97 -18.20 -2.22 -6.16
C THR A 97 -18.80 -0.94 -5.59
N GLY A 98 -19.17 -1.00 -4.31
CA GLY A 98 -19.68 0.17 -3.62
C GLY A 98 -21.12 0.53 -3.93
N TYR A 99 -21.84 -0.39 -4.57
CA TYR A 99 -23.25 -0.16 -4.86
C TYR A 99 -24.13 -0.64 -3.71
N LEU A 100 -23.49 -0.98 -2.60
CA LEU A 100 -24.20 -1.42 -1.39
C LEU A 100 -25.09 -0.31 -0.86
N HIS A 101 -24.80 0.93 -1.25
CA HIS A 101 -25.62 2.07 -0.86
C HIS A 101 -27.02 1.98 -1.46
N LEU A 102 -27.19 1.11 -2.45
CA LEU A 102 -28.49 0.91 -3.07
C LEU A 102 -29.42 0.09 -2.18
N LEU A 103 -28.84 -0.68 -1.25
CA LEU A 103 -29.62 -1.47 -0.32
C LEU A 103 -30.39 -0.56 0.62
N LYS A 104 -31.69 -0.81 0.74
CA LYS A 104 -32.55 0.01 1.57
C LYS A 104 -32.35 -0.34 3.06
N ASN A 105 -32.14 0.70 3.86
CA ASN A 105 -31.81 0.56 5.28
C ASN A 105 -30.59 -0.31 5.50
N ALA A 106 -29.56 -0.09 4.69
CA ALA A 106 -28.27 -0.75 4.90
C ALA A 106 -27.62 -0.17 6.15
N PRO A 107 -27.51 -0.97 7.22
CA PRO A 107 -27.09 -0.49 8.52
C PRO A 107 -25.68 0.11 8.51
N LYS A 108 -25.38 0.91 9.52
CA LYS A 108 -24.06 1.53 9.65
C LYS A 108 -23.03 0.49 10.05
N VAL A 109 -23.49 -0.74 10.28
CA VAL A 109 -22.61 -1.85 10.60
C VAL A 109 -21.68 -2.14 9.41
N SER A 110 -20.49 -2.63 9.72
CA SER A 110 -19.52 -2.98 8.70
C SER A 110 -19.92 -4.30 8.06
N LEU A 111 -20.71 -4.24 7.00
CA LEU A 111 -21.25 -5.43 6.38
C LEU A 111 -20.16 -6.29 5.77
N LEU A 112 -19.28 -5.65 5.00
CA LEU A 112 -18.21 -6.36 4.31
C LEU A 112 -17.29 -7.06 5.31
N ARG A 113 -17.06 -6.42 6.45
CA ARG A 113 -16.20 -6.98 7.48
C ARG A 113 -16.82 -8.24 8.06
N LEU A 114 -18.14 -8.21 8.23
CA LEU A 114 -18.89 -9.34 8.76
C LEU A 114 -18.92 -10.49 7.76
N ILE A 115 -19.08 -10.16 6.48
CA ILE A 115 -19.12 -11.17 5.43
C ILE A 115 -17.77 -11.86 5.31
N SER A 116 -16.71 -11.06 5.30
CA SER A 116 -15.36 -11.60 5.24
C SER A 116 -15.10 -12.49 6.44
N ASN A 117 -15.40 -11.96 7.63
CA ASN A 117 -15.24 -12.71 8.87
C ASN A 117 -15.96 -14.06 8.83
N ALA A 118 -17.21 -14.03 8.40
CA ALA A 118 -18.05 -15.22 8.36
C ALA A 118 -17.54 -16.25 7.36
N PHE A 119 -17.15 -15.77 6.18
CA PHE A 119 -16.62 -16.65 5.16
C PHE A 119 -15.36 -17.35 5.65
N LEU A 120 -14.43 -16.56 6.16
CA LEU A 120 -13.19 -17.09 6.68
C LEU A 120 -13.45 -18.10 7.81
N SER A 121 -14.34 -17.74 8.72
CA SER A 121 -14.73 -18.64 9.81
C SER A 121 -15.21 -19.97 9.25
N PHE A 122 -16.10 -19.90 8.26
CA PHE A 122 -16.67 -21.10 7.65
C PHE A 122 -15.59 -21.98 7.07
N LEU A 123 -14.68 -21.38 6.30
CA LEU A 123 -13.59 -22.12 5.69
C LEU A 123 -12.72 -22.79 6.75
N VAL A 124 -12.37 -22.04 7.79
CA VAL A 124 -11.55 -22.57 8.87
C VAL A 124 -12.22 -23.77 9.52
N GLN A 125 -13.48 -23.60 9.91
CA GLN A 125 -14.25 -24.67 10.54
C GLN A 125 -14.31 -25.92 9.66
N THR A 126 -14.69 -25.74 8.40
CA THR A 126 -14.89 -26.88 7.51
C THR A 126 -13.60 -27.50 6.99
N HIS A 127 -12.47 -26.82 7.19
CA HIS A 127 -11.20 -27.37 6.72
C HIS A 127 -10.27 -27.74 7.87
N GLN A 128 -10.75 -27.59 9.10
CA GLN A 128 -9.97 -27.96 10.27
C GLN A 128 -9.80 -29.47 10.35
N ARG A 129 -8.55 -29.92 10.46
CA ARG A 129 -8.25 -31.34 10.53
C ARG A 129 -7.78 -31.75 11.92
N PRO A 130 -8.01 -33.02 12.29
CA PRO A 130 -7.58 -33.56 13.58
C PRO A 130 -6.06 -33.55 13.76
N GLY A 131 -5.59 -32.80 14.75
CA GLY A 131 -4.17 -32.78 15.09
C GLY A 131 -3.31 -32.15 14.01
N VAL A 132 -3.88 -31.22 13.26
CA VAL A 132 -3.14 -30.55 12.20
C VAL A 132 -3.15 -29.03 12.40
N ARG A 133 -1.96 -28.43 12.31
CA ARG A 133 -1.84 -26.99 12.41
C ARG A 133 -2.51 -26.28 11.24
N LEU A 134 -3.28 -25.24 11.53
CA LEU A 134 -3.94 -24.49 10.48
C LEU A 134 -3.53 -23.02 10.49
N MET A 135 -3.04 -22.54 9.35
CA MET A 135 -2.57 -21.16 9.25
C MET A 135 -3.43 -20.34 8.29
N VAL A 136 -3.68 -19.08 8.63
CA VAL A 136 -4.41 -18.19 7.73
C VAL A 136 -3.58 -16.98 7.35
N SER A 137 -3.15 -16.94 6.10
CA SER A 137 -2.25 -15.87 5.65
C SER A 137 -2.95 -14.91 4.71
N LEU A 138 -2.54 -13.65 4.75
CA LEU A 138 -3.00 -12.66 3.79
C LEU A 138 -2.03 -11.50 3.69
N PHE A 139 -2.16 -10.74 2.61
CA PHE A 139 -1.25 -9.65 2.31
C PHE A 139 -2.05 -8.43 1.92
N ALA A 140 -2.08 -7.44 2.80
CA ALA A 140 -2.92 -6.27 2.60
C ALA A 140 -2.16 -5.10 2.00
N ARG A 141 -2.65 -4.59 0.88
CA ARG A 141 -2.18 -3.30 0.37
C ARG A 141 -3.32 -2.59 -0.36
N ALA A 142 -3.51 -1.33 0.00
CA ALA A 142 -4.60 -0.55 -0.54
C ALA A 142 -4.34 -0.15 -1.99
N GLN A 143 -5.24 -0.59 -2.87
CA GLN A 143 -5.23 -0.15 -4.26
C GLN A 143 -6.67 0.00 -4.77
N ASN A 144 -6.83 0.78 -5.82
CA ASN A 144 -8.15 1.20 -6.29
C ASN A 144 -9.15 0.07 -6.58
N GLN A 145 -8.74 -0.91 -7.38
CA GLN A 145 -9.64 -2.01 -7.70
C GLN A 145 -8.86 -3.29 -7.97
N TYR A 146 -9.40 -4.40 -7.52
CA TYR A 146 -8.73 -5.69 -7.68
C TYR A 146 -9.52 -6.62 -8.59
N LEU A 147 -10.84 -6.66 -8.38
CA LEU A 147 -11.69 -7.64 -9.05
C LEU A 147 -12.70 -6.99 -9.98
N PHE A 148 -13.09 -5.76 -9.67
CA PHE A 148 -14.16 -5.09 -10.42
C PHE A 148 -13.67 -3.86 -11.16
N PRO A 149 -13.41 -4.01 -12.46
CA PRO A 149 -12.91 -2.92 -13.29
C PRO A 149 -13.86 -1.75 -13.38
N GLY A 150 -13.33 -0.54 -13.20
CA GLY A 150 -14.13 0.67 -13.31
C GLY A 150 -14.98 0.93 -12.08
N SER A 151 -14.93 0.03 -11.10
CA SER A 151 -15.67 0.24 -9.86
C SER A 151 -15.10 1.41 -9.09
N ILE A 152 -13.85 1.75 -9.40
CA ILE A 152 -13.18 2.89 -8.79
C ILE A 152 -13.84 4.19 -9.23
N GLU A 153 -14.47 4.14 -10.40
CA GLU A 153 -15.11 5.33 -10.97
C GLU A 153 -16.53 5.49 -10.49
N ASN A 154 -17.04 4.49 -9.80
CA ASN A 154 -18.29 4.65 -9.06
C ASN A 154 -18.02 5.51 -7.84
N PRO A 155 -18.64 6.70 -7.77
CA PRO A 155 -18.36 7.68 -6.72
C PRO A 155 -18.66 7.17 -5.31
N GLU A 156 -19.46 6.12 -5.21
CA GLU A 156 -19.86 5.61 -3.91
C GLU A 156 -18.91 4.53 -3.39
N LYS A 157 -18.02 4.06 -4.25
CA LYS A 157 -16.98 3.14 -3.80
C LYS A 157 -15.88 3.91 -3.07
N HIS A 158 -15.70 3.60 -1.80
CA HIS A 158 -14.66 4.26 -1.00
C HIS A 158 -13.56 3.30 -0.57
N VAL A 159 -12.46 3.33 -1.30
CA VAL A 159 -11.32 2.48 -0.98
C VAL A 159 -10.51 3.08 0.17
N LEU A 160 -10.27 2.27 1.19
CA LEU A 160 -9.48 2.69 2.34
C LEU A 160 -8.02 2.96 1.94
N ASP A 161 -7.34 3.79 2.72
CA ASP A 161 -5.91 4.00 2.54
C ASP A 161 -5.15 2.82 3.10
N ASP A 162 -3.82 2.96 3.14
CA ASP A 162 -2.94 1.91 3.65
C ASP A 162 -3.31 1.44 5.06
N ARG A 163 -3.14 2.34 6.03
CA ARG A 163 -3.41 2.04 7.43
C ARG A 163 -4.85 1.58 7.62
N GLY A 164 -5.75 2.17 6.84
CA GLY A 164 -7.16 1.81 6.89
C GLY A 164 -7.39 0.34 6.54
N LEU A 165 -6.82 -0.09 5.43
CA LEU A 165 -6.98 -1.47 4.99
C LEU A 165 -6.27 -2.46 5.92
N ILE A 166 -5.10 -2.08 6.44
CA ILE A 166 -4.42 -2.96 7.40
C ILE A 166 -5.25 -3.14 8.68
N LYS A 167 -5.68 -2.01 9.25
CA LYS A 167 -6.53 -2.03 10.45
C LYS A 167 -7.79 -2.84 10.20
N TRP A 168 -8.34 -2.70 8.99
CA TRP A 168 -9.55 -3.41 8.59
C TRP A 168 -9.32 -4.92 8.59
N TRP A 169 -8.27 -5.38 7.94
CA TRP A 169 -7.99 -6.81 7.91
C TRP A 169 -7.72 -7.35 9.31
N CYS A 170 -7.08 -6.54 10.14
CA CYS A 170 -6.83 -6.97 11.51
C CYS A 170 -8.13 -7.10 12.30
N ARG A 171 -9.08 -6.19 12.08
CA ARG A 171 -10.38 -6.30 12.71
C ARG A 171 -11.19 -7.47 12.15
N VAL A 172 -10.90 -7.87 10.92
CA VAL A 172 -11.56 -9.05 10.34
C VAL A 172 -11.03 -10.31 10.99
N ILE A 173 -9.71 -10.37 11.18
CA ILE A 173 -9.05 -11.58 11.68
C ILE A 173 -9.21 -11.75 13.20
N ASP A 174 -9.25 -10.64 13.91
CA ASP A 174 -9.30 -10.64 15.38
C ASP A 174 -10.32 -11.62 15.99
N PRO A 175 -11.61 -11.53 15.59
CA PRO A 175 -12.61 -12.37 16.27
C PRO A 175 -12.37 -13.86 16.08
N ILE A 176 -11.82 -14.25 14.95
CA ILE A 176 -11.51 -15.65 14.71
C ILE A 176 -10.45 -16.11 15.71
N LEU A 177 -9.46 -15.26 15.93
CA LEU A 177 -8.41 -15.53 16.90
C LEU A 177 -8.97 -15.60 18.32
N ARG A 178 -9.92 -14.73 18.62
CA ARG A 178 -10.56 -14.68 19.93
C ARG A 178 -11.32 -15.97 20.28
N GLU A 179 -11.63 -16.77 19.27
CA GLU A 179 -12.39 -18.01 19.47
C GLU A 179 -11.51 -19.17 19.93
N TYR A 180 -10.25 -18.87 20.24
CA TYR A 180 -9.31 -19.88 20.73
C TYR A 180 -8.64 -19.43 22.01
N GLU A 181 -7.72 -20.25 22.50
CA GLU A 181 -6.99 -19.95 23.72
C GLU A 181 -5.62 -19.35 23.41
N PRO A 182 -5.14 -18.44 24.27
CA PRO A 182 -3.81 -17.85 24.11
C PRO A 182 -2.71 -18.91 24.13
N GLU A 183 -1.58 -18.60 23.50
CA GLU A 183 -0.45 -19.52 23.49
C GLU A 183 0.72 -18.95 24.28
N THR A 184 1.50 -19.83 24.89
CA THR A 184 2.65 -19.42 25.69
C THR A 184 3.95 -19.51 24.88
N LYS A 200 -7.07 -28.58 24.48
CA LYS A 200 -7.70 -27.34 24.02
C LYS A 200 -6.93 -26.74 22.84
N SER A 201 -7.64 -25.96 22.02
CA SER A 201 -7.04 -25.36 20.83
C SER A 201 -6.48 -23.97 21.12
N SER A 202 -5.25 -23.74 20.68
CA SER A 202 -4.60 -22.45 20.87
C SER A 202 -4.45 -21.70 19.56
N ALA A 203 -4.23 -20.39 19.65
CA ALA A 203 -4.06 -19.58 18.44
C ALA A 203 -3.31 -18.28 18.72
N THR A 204 -2.51 -17.87 17.75
CA THR A 204 -1.71 -16.65 17.85
C THR A 204 -1.78 -15.87 16.54
N ALA A 205 -1.66 -14.55 16.63
CA ALA A 205 -1.70 -13.69 15.44
C ALA A 205 -0.37 -12.98 15.21
N PHE A 206 0.04 -12.88 13.96
CA PHE A 206 1.32 -12.26 13.61
C PHE A 206 1.14 -11.20 12.52
N LEU A 207 1.46 -9.95 12.85
CA LEU A 207 1.42 -8.88 11.88
C LEU A 207 2.84 -8.37 11.59
N ILE A 208 3.07 -8.01 10.32
CA ILE A 208 4.33 -7.38 9.94
C ILE A 208 4.04 -6.24 8.99
N VAL A 209 4.41 -5.03 9.37
CA VAL A 209 4.25 -3.90 8.47
C VAL A 209 5.63 -3.32 8.17
N PRO A 210 6.18 -3.67 6.99
CA PRO A 210 7.47 -3.20 6.51
C PRO A 210 7.61 -1.68 6.64
N GLY A 211 8.69 -1.25 7.29
CA GLY A 211 8.94 0.17 7.48
C GLY A 211 8.52 0.65 8.84
N CYS A 212 7.98 -0.25 9.65
CA CYS A 212 7.47 0.09 10.98
C CYS A 212 8.13 -0.73 12.07
N ASP A 213 8.59 -0.05 13.12
CA ASP A 213 9.11 -0.71 14.30
C ASP A 213 7.95 -1.29 15.10
N LYS A 214 8.26 -2.04 16.16
CA LYS A 214 7.23 -2.73 16.93
C LYS A 214 6.24 -1.77 17.57
N PHE A 215 6.72 -0.62 18.05
CA PHE A 215 5.84 0.34 18.71
C PHE A 215 4.83 0.93 17.73
N GLU A 216 5.29 1.21 16.51
CA GLU A 216 4.40 1.75 15.50
C GLU A 216 3.47 0.69 14.97
N THR A 217 3.97 -0.54 14.90
CA THR A 217 3.17 -1.65 14.39
C THR A 217 2.04 -2.00 15.35
N ARG A 218 2.31 -1.92 16.65
CA ARG A 218 1.31 -2.21 17.67
C ARG A 218 0.06 -1.33 17.53
N GLY A 219 0.22 -0.18 16.88
CA GLY A 219 -0.89 0.73 16.66
C GLY A 219 -1.92 0.19 15.68
N PHE A 220 -1.51 -0.82 14.90
CA PHE A 220 -2.39 -1.42 13.90
C PHE A 220 -3.23 -2.56 14.47
N PHE A 221 -2.82 -3.05 15.64
CA PHE A 221 -3.55 -4.11 16.34
C PHE A 221 -4.96 -3.65 16.69
N PRO A 222 -5.90 -4.61 16.82
CA PRO A 222 -7.24 -4.28 17.33
C PRO A 222 -7.15 -3.77 18.76
N ILE A 223 -8.15 -3.02 19.20
CA ILE A 223 -8.13 -2.44 20.54
C ILE A 223 -8.08 -3.52 21.62
N THR A 224 -8.65 -4.68 21.32
CA THR A 224 -8.68 -5.80 22.26
C THR A 224 -7.27 -6.21 22.71
N ALA A 225 -6.33 -6.12 21.79
CA ALA A 225 -4.94 -6.47 22.07
C ALA A 225 -4.37 -5.63 23.21
N ARG A 226 -4.96 -4.47 23.46
CA ARG A 226 -4.48 -3.60 24.53
C ARG A 226 -4.75 -4.20 25.90
N SER A 227 -5.71 -5.10 25.99
CA SER A 227 -6.12 -5.62 27.30
C SER A 227 -5.83 -7.11 27.47
N ASP A 228 -4.94 -7.64 26.64
CA ASP A 228 -4.55 -9.05 26.75
C ASP A 228 -3.54 -9.24 27.88
N GLY A 229 -3.37 -10.48 28.32
CA GLY A 229 -2.38 -10.79 29.33
C GLY A 229 -0.97 -10.67 28.78
N LYS A 230 -0.17 -9.82 29.40
CA LYS A 230 1.17 -9.52 28.92
C LYS A 230 2.10 -10.74 28.94
N ASP A 231 1.70 -11.78 29.66
CA ASP A 231 2.48 -12.99 29.75
C ASP A 231 2.16 -13.93 28.58
N ARG A 232 0.97 -13.78 28.02
CA ARG A 232 0.55 -14.58 26.86
C ARG A 232 -0.30 -13.75 25.90
N PRO A 233 0.33 -12.84 25.15
CA PRO A 233 -0.40 -11.96 24.24
C PRO A 233 -0.99 -12.71 23.06
N ARG A 234 -1.86 -12.04 22.31
CA ARG A 234 -2.54 -12.68 21.18
C ARG A 234 -2.00 -12.16 19.85
N TRP A 235 -1.60 -10.90 19.84
CA TRP A 235 -1.03 -10.26 18.65
C TRP A 235 0.47 -10.00 18.81
N LEU A 236 1.25 -10.43 17.83
CA LEU A 236 2.70 -10.25 17.84
C LEU A 236 3.19 -9.56 16.58
N ASN A 237 4.23 -8.75 16.71
CA ASN A 237 4.88 -8.15 15.55
C ASN A 237 6.12 -8.95 15.18
N SER A 238 5.90 -10.10 14.55
CA SER A 238 7.00 -10.97 14.16
C SER A 238 6.56 -11.98 13.12
N TYR A 239 7.43 -12.94 12.83
CA TYR A 239 7.14 -13.97 11.84
C TYR A 239 7.08 -15.34 12.50
N PRO A 240 5.98 -16.07 12.29
CA PRO A 240 5.79 -17.41 12.84
C PRO A 240 6.76 -18.43 12.27
N LEU A 241 8.01 -18.41 12.74
CA LEU A 241 9.05 -19.25 12.15
C LEU A 241 9.00 -20.68 12.66
N HIS A 242 9.07 -20.83 13.98
CA HIS A 242 9.19 -22.15 14.60
C HIS A 242 7.86 -22.90 14.61
N GLN A 243 6.80 -22.24 14.15
CA GLN A 243 5.49 -22.86 14.03
C GLN A 243 5.23 -23.33 12.61
N LEU A 244 5.99 -22.80 11.67
CA LEU A 244 5.84 -23.17 10.27
C LEU A 244 6.88 -24.19 9.84
N CYS A 245 8.06 -24.12 10.45
CA CYS A 245 9.16 -24.98 10.03
C CYS A 245 9.80 -25.69 11.21
N ASP A 246 9.68 -27.01 11.21
CA ASP A 246 10.23 -27.85 12.27
C ASP A 246 11.75 -27.81 12.28
N ASN A 247 12.35 -27.42 11.16
CA ASN A 247 13.79 -27.43 11.02
C ASN A 247 14.36 -26.05 10.71
N PRO A 248 14.67 -25.27 11.76
CA PRO A 248 15.21 -23.92 11.60
C PRO A 248 16.63 -23.86 11.03
N ASN A 249 17.28 -25.02 10.85
CA ASN A 249 18.61 -25.05 10.26
C ASN A 249 18.54 -25.05 8.73
N ALA A 250 17.33 -25.22 8.22
CA ALA A 250 17.09 -25.18 6.77
C ALA A 250 17.36 -23.78 6.24
N PRO A 251 17.77 -23.69 4.95
CA PRO A 251 17.99 -22.39 4.32
C PRO A 251 16.74 -21.52 4.39
N PRO A 252 16.93 -20.19 4.52
CA PRO A 252 15.81 -19.25 4.65
C PRO A 252 14.77 -19.41 3.54
N ARG A 253 15.21 -19.81 2.35
CA ARG A 253 14.32 -19.98 1.20
C ARG A 253 13.20 -20.97 1.48
N CYS A 254 13.49 -21.97 2.30
CA CYS A 254 12.52 -23.01 2.60
C CYS A 254 11.63 -22.62 3.77
N LEU A 255 11.73 -21.38 4.22
CA LEU A 255 11.00 -20.95 5.42
C LEU A 255 9.90 -19.94 5.11
N VAL A 256 9.78 -19.55 3.85
CA VAL A 256 8.81 -18.53 3.45
C VAL A 256 7.88 -19.04 2.36
N PRO A 257 6.56 -18.94 2.57
CA PRO A 257 5.57 -19.44 1.62
C PRO A 257 5.60 -18.69 0.29
N ARG A 258 5.43 -19.44 -0.79
CA ARG A 258 5.48 -18.85 -2.12
C ARG A 258 4.08 -18.78 -2.72
N PHE A 259 3.34 -17.75 -2.33
CA PHE A 259 1.96 -17.58 -2.80
C PHE A 259 1.95 -16.96 -4.20
N PRO A 260 0.85 -17.18 -4.93
CA PRO A 260 0.64 -16.50 -6.22
C PRO A 260 0.31 -15.02 -6.03
N ASP A 261 0.86 -14.15 -6.87
CA ASP A 261 0.69 -12.72 -6.73
C ASP A 261 1.06 -12.30 -5.32
N ASP A 262 2.35 -12.31 -5.03
CA ASP A 262 2.83 -11.99 -3.70
C ASP A 262 4.27 -11.56 -3.75
N PRO A 263 4.58 -10.39 -3.18
CA PRO A 263 5.92 -9.82 -3.18
C PRO A 263 6.95 -10.78 -2.59
N THR A 265 6.98 -13.93 -2.87
CA THR A 265 7.32 -14.87 -3.93
C THR A 265 8.32 -14.25 -4.89
N ARG A 266 7.98 -13.08 -5.44
CA ARG A 266 8.86 -12.38 -6.37
C ARG A 266 10.27 -12.27 -5.80
N PHE A 267 10.36 -11.77 -4.58
CA PHE A 267 11.65 -11.58 -3.94
C PHE A 267 12.37 -12.91 -3.76
N LEU A 268 11.63 -13.95 -3.40
CA LEU A 268 12.22 -15.26 -3.20
C LEU A 268 12.80 -15.80 -4.51
N ILE A 269 12.17 -15.46 -5.62
CA ILE A 269 12.67 -15.88 -6.92
C ILE A 269 13.93 -15.12 -7.26
N ASP A 270 13.86 -13.80 -7.14
CA ASP A 270 15.02 -12.95 -7.40
C ASP A 270 16.21 -13.39 -6.56
N LEU A 271 15.94 -13.87 -5.36
CA LEU A 271 17.00 -14.36 -4.47
C LEU A 271 17.48 -15.74 -4.93
N ASP A 272 16.55 -16.59 -5.35
CA ASP A 272 16.89 -17.93 -5.82
C ASP A 272 17.77 -17.87 -7.06
N ASP A 273 17.72 -16.73 -7.75
CA ASP A 273 18.63 -16.48 -8.88
C ASP A 273 20.10 -16.52 -8.46
N GLU A 274 20.37 -16.39 -7.17
CA GLU A 274 21.74 -16.34 -6.67
C GLU A 274 22.32 -17.72 -6.42
N LEU A 275 21.44 -18.72 -6.37
CA LEU A 275 21.85 -20.08 -6.06
C LEU A 275 22.56 -20.75 -7.24
N PRO A 276 23.57 -21.59 -6.93
CA PRO A 276 24.30 -22.34 -7.96
C PRO A 276 23.66 -23.68 -8.31
N SER A 288 23.94 -26.11 -1.88
CA SER A 288 24.12 -25.64 -0.50
C SER A 288 22.80 -25.14 0.08
N GLY A 289 22.06 -24.37 -0.71
CA GLY A 289 20.76 -23.88 -0.31
C GLY A 289 20.77 -22.43 0.13
N HIS A 290 21.93 -21.95 0.55
CA HIS A 290 22.05 -20.59 1.04
C HIS A 290 22.17 -19.59 -0.11
N TRP A 291 21.51 -18.45 0.03
CA TRP A 291 21.69 -17.36 -0.91
C TRP A 291 23.06 -16.73 -0.71
N ARG A 292 23.32 -15.63 -1.40
CA ARG A 292 24.60 -14.97 -1.25
C ARG A 292 24.45 -13.59 -0.63
N SER A 293 23.26 -13.01 -0.73
CA SER A 293 23.02 -11.66 -0.26
C SER A 293 22.08 -11.62 0.93
N VAL A 294 21.47 -12.75 1.23
CA VAL A 294 20.57 -12.88 2.39
C VAL A 294 20.81 -14.20 3.09
N LYS A 295 21.40 -14.15 4.27
CA LYS A 295 21.81 -15.37 4.95
C LYS A 295 20.83 -15.77 6.05
N SER A 296 20.02 -14.81 6.51
CA SER A 296 19.06 -15.05 7.58
C SER A 296 17.68 -14.53 7.22
N LEU A 297 16.67 -14.96 7.95
CA LEU A 297 15.30 -14.51 7.72
C LEU A 297 15.12 -13.04 8.10
N ALA A 298 15.79 -12.63 9.17
CA ALA A 298 15.75 -11.25 9.63
C ALA A 298 16.28 -10.33 8.55
N GLN A 299 17.33 -10.78 7.87
CA GLN A 299 17.85 -10.03 6.73
C GLN A 299 16.83 -10.00 5.61
N PHE A 300 16.12 -11.11 5.42
CA PHE A 300 15.11 -11.21 4.38
C PHE A 300 14.03 -10.15 4.59
N TRP A 301 13.59 -9.97 5.84
CA TRP A 301 12.55 -8.99 6.09
C TRP A 301 13.10 -7.56 6.07
N GLU A 302 14.33 -7.41 6.57
CA GLU A 302 15.03 -6.12 6.51
C GLU A 302 15.09 -5.63 5.07
N MET A 303 15.26 -6.56 4.14
CA MET A 303 15.28 -6.25 2.72
C MET A 303 13.88 -6.05 2.16
N MET A 304 12.94 -6.85 2.66
CA MET A 304 11.55 -6.79 2.22
C MET A 304 10.96 -5.42 2.48
N SER A 305 11.40 -4.77 3.55
CA SER A 305 10.86 -3.46 3.90
C SER A 305 11.23 -2.37 2.87
N PHE A 306 12.08 -2.71 1.90
CA PHE A 306 12.54 -1.75 0.91
C PHE A 306 12.27 -2.18 -0.54
N ARG A 307 11.50 -3.25 -0.72
CA ARG A 307 11.15 -3.71 -2.05
C ARG A 307 10.17 -2.75 -2.72
N GLN A 308 9.89 -2.99 -4.00
CA GLN A 308 9.12 -2.05 -4.81
C GLN A 308 7.67 -1.89 -4.35
N GLU A 309 7.11 -2.94 -3.75
CA GLU A 309 5.71 -2.92 -3.37
C GLU A 309 5.49 -2.25 -2.02
N CYS A 310 6.46 -2.42 -1.12
CA CYS A 310 6.28 -2.02 0.27
C CYS A 310 6.70 -0.58 0.55
N SER A 311 7.37 0.05 -0.40
CA SER A 311 7.87 1.40 -0.19
C SER A 311 7.56 2.33 -1.37
N ALA A 312 6.33 2.27 -1.88
CA ALA A 312 5.95 3.13 -2.98
C ALA A 312 5.12 4.33 -2.51
N GLY A 313 5.29 4.69 -1.24
CA GLY A 313 4.59 5.83 -0.68
C GLY A 313 3.41 5.44 0.18
N ARG A 314 2.98 4.20 0.04
CA ARG A 314 1.89 3.68 0.85
C ARG A 314 2.41 2.57 1.74
N LEU A 315 1.67 2.29 2.81
CA LEU A 315 2.03 1.20 3.71
C LEU A 315 1.44 -0.12 3.26
N VAL A 316 1.97 -1.20 3.82
CA VAL A 316 1.67 -2.55 3.38
C VAL A 316 1.74 -3.47 4.60
N GLY A 317 0.84 -4.44 4.69
CA GLY A 317 0.85 -5.31 5.86
C GLY A 317 0.69 -6.80 5.60
N PHE A 318 1.69 -7.58 5.99
CA PHE A 318 1.61 -9.04 5.96
C PHE A 318 0.95 -9.54 7.24
N LEU A 319 0.06 -10.53 7.10
CA LEU A 319 -0.69 -11.03 8.25
C LEU A 319 -0.80 -12.56 8.26
N TRP A 320 -0.60 -13.15 9.43
CA TRP A 320 -0.74 -14.60 9.60
C TRP A 320 -1.50 -14.96 10.87
N LEU A 321 -2.25 -16.06 10.82
CA LEU A 321 -2.99 -16.55 11.97
C LEU A 321 -2.70 -18.01 12.20
N VAL A 322 -1.88 -18.31 13.21
CA VAL A 322 -1.51 -19.69 13.49
C VAL A 322 -2.48 -20.31 14.49
N ILE A 323 -2.98 -21.49 14.15
CA ILE A 323 -3.91 -22.22 15.01
C ILE A 323 -3.41 -23.63 15.28
N ASN A 324 -3.10 -23.89 16.55
CA ASN A 324 -2.66 -25.20 16.98
C ASN A 324 -3.81 -25.99 17.58
N PRO A 325 -4.07 -27.18 17.03
CA PRO A 325 -5.11 -28.08 17.55
C PRO A 325 -4.69 -28.66 18.90
N PRO A 326 -5.63 -29.26 19.64
CA PRO A 326 -5.30 -29.86 20.93
C PRO A 326 -4.20 -30.90 20.84
N GLY A 327 -3.03 -30.57 21.38
CA GLY A 327 -1.90 -31.47 21.35
C GLY A 327 -0.74 -30.93 20.54
N LEU A 328 -1.01 -29.93 19.72
CA LEU A 328 0.02 -29.33 18.87
C LEU A 328 0.23 -27.85 19.19
N PHE A 407 -22.32 -36.24 -3.63
CA PHE A 407 -21.71 -34.97 -3.30
C PHE A 407 -20.92 -35.06 -2.00
N PHE A 408 -19.63 -34.77 -2.06
CA PHE A 408 -18.73 -34.92 -0.92
C PHE A 408 -18.18 -33.56 -0.47
N TRP A 409 -19.06 -32.69 0.02
CA TRP A 409 -18.65 -31.33 0.39
C TRP A 409 -19.40 -30.77 1.60
N PRO A 410 -18.68 -30.09 2.50
CA PRO A 410 -19.24 -29.52 3.74
C PRO A 410 -20.20 -28.36 3.50
N ASP A 411 -20.16 -27.75 2.32
CA ASP A 411 -21.11 -26.70 1.98
C ASP A 411 -22.21 -27.25 1.09
N THR A 412 -23.44 -27.05 1.53
CA THR A 412 -24.58 -27.70 0.89
C THR A 412 -25.52 -26.72 0.18
N GLY A 413 -25.42 -25.43 0.51
CA GLY A 413 -26.29 -24.42 -0.07
C GLY A 413 -26.30 -24.43 -1.59
N ARG A 414 -27.38 -23.91 -2.18
CA ARG A 414 -27.48 -23.88 -3.64
C ARG A 414 -26.60 -22.79 -4.23
N GLY A 415 -26.02 -21.97 -3.36
CA GLY A 415 -25.10 -20.94 -3.80
C GLY A 415 -23.75 -21.53 -4.17
N HIS A 416 -23.52 -22.77 -3.74
CA HIS A 416 -22.23 -23.41 -3.92
C HIS A 416 -22.19 -24.20 -5.22
N ALA A 417 -21.12 -23.99 -5.98
CA ALA A 417 -20.89 -24.73 -7.22
C ALA A 417 -19.45 -25.21 -7.30
N VAL A 418 -19.26 -26.51 -7.47
CA VAL A 418 -17.93 -27.07 -7.53
C VAL A 418 -17.54 -27.36 -8.97
N LEU A 419 -16.66 -26.52 -9.50
CA LEU A 419 -16.23 -26.62 -10.89
C LEU A 419 -14.85 -27.24 -11.01
N SER A 420 -14.50 -27.62 -12.24
CA SER A 420 -13.16 -28.09 -12.53
C SER A 420 -12.19 -26.93 -12.42
N GLU A 421 -10.90 -27.23 -12.34
CA GLU A 421 -9.90 -26.17 -12.27
C GLU A 421 -10.05 -25.23 -13.48
N GLU A 422 -10.13 -25.83 -14.65
CA GLU A 422 -10.32 -25.09 -15.90
C GLU A 422 -11.60 -24.26 -15.88
N ASP A 423 -12.71 -24.90 -15.52
CA ASP A 423 -14.00 -24.22 -15.50
C ASP A 423 -14.02 -23.11 -14.46
N TYR A 424 -13.40 -23.34 -13.31
CA TYR A 424 -13.29 -22.33 -12.27
C TYR A 424 -12.56 -21.11 -12.80
N LYS A 425 -11.39 -21.34 -13.39
CA LYS A 425 -10.62 -20.25 -13.98
C LYS A 425 -11.47 -19.51 -15.01
N ALA A 426 -12.24 -20.26 -15.79
CA ALA A 426 -13.12 -19.66 -16.78
C ALA A 426 -14.11 -18.71 -16.14
N ALA A 427 -14.80 -19.18 -15.11
CA ALA A 427 -15.81 -18.38 -14.41
C ALA A 427 -15.21 -17.12 -13.80
N ILE A 428 -14.16 -17.30 -13.01
CA ILE A 428 -13.55 -16.19 -12.30
C ILE A 428 -13.00 -15.14 -13.27
N ASN A 429 -12.23 -15.59 -14.25
CA ASN A 429 -11.70 -14.69 -15.26
C ASN A 429 -12.80 -13.98 -16.04
N PHE A 430 -13.92 -14.67 -16.25
CA PHE A 430 -15.07 -14.07 -16.93
C PHE A 430 -15.62 -12.92 -16.10
N LEU A 431 -15.84 -13.17 -14.81
CA LEU A 431 -16.38 -12.14 -13.94
C LEU A 431 -15.45 -10.94 -13.82
N ILE A 432 -14.15 -11.23 -13.73
CA ILE A 432 -13.15 -10.21 -13.44
C ILE A 432 -12.93 -9.25 -14.61
N ASP A 433 -13.00 -9.74 -15.83
CA ASP A 433 -12.88 -8.86 -16.99
C ASP A 433 -14.25 -8.37 -17.43
N GLN A 434 -14.92 -7.65 -16.53
CA GLN A 434 -16.23 -7.07 -16.83
C GLN A 434 -16.14 -5.55 -16.72
N ASP A 435 -17.29 -4.91 -16.52
CA ASP A 435 -17.33 -3.47 -16.33
C ASP A 435 -18.25 -3.13 -15.17
N PHE A 436 -17.83 -2.18 -14.34
CA PHE A 436 -18.65 -1.76 -13.20
C PHE A 436 -18.58 -0.25 -13.02
N ASN A 437 -18.43 0.46 -14.12
CA ASN A 437 -18.35 1.92 -14.11
C ASN A 437 -19.64 2.56 -13.62
N THR A 438 -20.77 2.01 -14.04
CA THR A 438 -22.09 2.54 -13.68
C THR A 438 -22.95 1.49 -12.98
N LYS A 439 -24.15 1.90 -12.58
CA LYS A 439 -25.11 0.97 -12.00
C LYS A 439 -25.52 -0.09 -13.01
N HIS A 440 -26.01 0.36 -14.15
CA HIS A 440 -26.54 -0.53 -15.18
C HIS A 440 -25.50 -1.52 -15.67
N LYS A 441 -24.28 -1.05 -15.86
CA LYS A 441 -23.19 -1.91 -16.30
C LYS A 441 -22.92 -3.01 -15.28
N ALA A 442 -22.94 -2.64 -14.00
CA ALA A 442 -22.72 -3.58 -12.92
C ALA A 442 -23.83 -4.63 -12.85
N ILE A 443 -25.06 -4.18 -13.04
CA ILE A 443 -26.20 -5.09 -13.08
C ILE A 443 -26.03 -6.10 -14.22
N ALA A 444 -25.79 -5.56 -15.42
CA ALA A 444 -25.60 -6.38 -16.62
C ALA A 444 -24.50 -7.41 -16.43
N SER A 445 -23.40 -6.97 -15.83
CA SER A 445 -22.26 -7.84 -15.59
C SER A 445 -22.62 -8.94 -14.60
N THR A 446 -23.38 -8.56 -13.58
CA THR A 446 -23.82 -9.53 -12.58
C THR A 446 -24.68 -10.62 -13.22
N LYS A 447 -25.66 -10.20 -14.01
CA LYS A 447 -26.52 -11.14 -14.73
C LYS A 447 -25.72 -12.06 -15.64
N ALA A 448 -24.84 -11.45 -16.44
CA ALA A 448 -24.01 -12.19 -17.39
C ALA A 448 -23.18 -13.26 -16.69
N TRP A 449 -22.51 -12.88 -15.61
CA TRP A 449 -21.68 -13.83 -14.90
C TRP A 449 -22.52 -14.91 -14.27
N ALA A 450 -23.69 -14.54 -13.73
CA ALA A 450 -24.60 -15.51 -13.15
C ALA A 450 -24.97 -16.58 -14.17
N GLU A 451 -25.39 -16.14 -15.35
CA GLU A 451 -25.73 -17.07 -16.43
C GLU A 451 -24.54 -17.93 -16.83
N LYS A 452 -23.34 -17.32 -16.91
CA LYS A 452 -22.14 -18.06 -17.27
C LYS A 452 -21.84 -19.18 -16.28
N VAL A 453 -22.02 -18.88 -15.00
CA VAL A 453 -21.79 -19.88 -13.95
C VAL A 453 -22.85 -20.97 -14.03
N ALA A 454 -24.09 -20.58 -14.25
CA ALA A 454 -25.17 -21.57 -14.40
C ALA A 454 -24.85 -22.52 -15.55
N SER A 455 -24.31 -21.98 -16.63
CA SER A 455 -23.95 -22.79 -17.79
CA SER A 455 -23.94 -22.79 -17.80
C SER A 455 -22.77 -23.71 -17.49
N LEU A 456 -21.77 -23.18 -16.78
CA LEU A 456 -20.58 -23.96 -16.48
C LEU A 456 -20.84 -25.13 -15.54
N ALA A 457 -21.90 -25.04 -14.74
CA ALA A 457 -22.21 -26.06 -13.77
C ALA A 457 -23.42 -26.91 -14.20
N ASP A 458 -23.80 -26.76 -15.46
CA ASP A 458 -24.89 -27.54 -16.04
C ASP A 458 -26.16 -27.44 -15.20
N GLN A 459 -26.57 -26.20 -14.90
CA GLN A 459 -27.80 -25.94 -14.16
C GLN A 459 -28.51 -24.76 -14.80
N LEU A 460 -29.67 -24.38 -14.26
CA LEU A 460 -30.37 -23.21 -14.75
C LEU A 460 -30.11 -22.01 -13.85
N TRP A 461 -29.63 -22.28 -12.64
CA TRP A 461 -29.41 -21.23 -11.65
C TRP A 461 -28.41 -21.69 -10.61
N VAL A 462 -27.50 -20.80 -10.25
CA VAL A 462 -26.58 -21.04 -9.14
C VAL A 462 -26.57 -19.79 -8.28
N GLY A 463 -26.72 -19.98 -6.98
CA GLY A 463 -26.78 -18.87 -6.06
C GLY A 463 -27.88 -19.12 -5.05
N GLN A 464 -27.81 -18.44 -3.90
CA GLN A 464 -28.86 -18.59 -2.91
C GLN A 464 -29.10 -17.31 -2.14
N ARG A 465 -30.35 -17.05 -1.79
CA ARG A 465 -30.69 -15.87 -1.01
C ARG A 465 -30.36 -16.10 0.46
N VAL A 466 -30.01 -15.03 1.15
CA VAL A 466 -29.64 -15.09 2.57
C VAL A 466 -30.28 -13.92 3.30
N GLU A 467 -30.81 -14.16 4.49
CA GLU A 467 -31.41 -13.10 5.29
C GLU A 467 -30.90 -13.16 6.72
N GLY A 468 -30.52 -12.00 7.26
CA GLY A 468 -29.88 -11.93 8.56
C GLY A 468 -30.79 -12.23 9.74
N ARG A 469 -30.26 -12.94 10.73
CA ARG A 469 -31.01 -13.29 11.93
C ARG A 469 -30.56 -12.45 13.13
N ASN A 470 -29.35 -11.92 13.07
CA ASN A 470 -28.77 -11.18 14.19
C ASN A 470 -29.44 -9.82 14.37
N ALA A 471 -29.91 -9.55 15.60
CA ALA A 471 -30.65 -8.33 15.88
C ALA A 471 -29.94 -7.44 16.89
N THR A 472 -28.83 -7.92 17.43
CA THR A 472 -28.07 -7.16 18.41
C THR A 472 -27.54 -5.86 17.82
N MET B 35 13.14 3.98 15.48
CA MET B 35 12.38 4.45 16.64
C MET B 35 12.63 5.93 16.90
N SER B 36 11.57 6.73 16.84
CA SER B 36 11.67 8.15 17.12
C SER B 36 11.07 8.49 18.49
N VAL B 37 11.63 9.51 19.14
CA VAL B 37 11.11 9.97 20.42
C VAL B 37 9.87 10.84 20.21
N VAL B 38 9.99 11.79 19.30
CA VAL B 38 8.89 12.69 18.98
C VAL B 38 8.23 12.26 17.65
N SER B 39 6.93 12.46 17.55
CA SER B 39 6.18 12.12 16.33
C SER B 39 4.88 12.92 16.23
N LEU B 40 4.50 13.29 15.02
CA LEU B 40 3.27 14.04 14.81
C LEU B 40 2.06 13.12 14.75
N LEU B 41 1.00 13.50 15.44
CA LEU B 41 -0.24 12.73 15.41
C LEU B 41 -1.26 13.38 14.48
N GLY B 42 -1.13 14.68 14.28
CA GLY B 42 -2.01 15.37 13.37
C GLY B 42 -1.70 16.84 13.25
N VAL B 43 -2.10 17.45 12.15
CA VAL B 43 -1.92 18.88 11.94
C VAL B 43 -3.18 19.48 11.33
N LYS B 44 -3.92 20.24 12.14
CA LYS B 44 -5.13 20.90 11.67
C LYS B 44 -4.80 22.29 11.13
N ILE B 45 -5.47 22.69 10.07
CA ILE B 45 -5.29 24.03 9.54
C ILE B 45 -6.48 24.90 9.86
N VAL B 46 -6.26 25.92 10.68
CA VAL B 46 -7.34 26.70 11.25
C VAL B 46 -8.03 27.60 10.22
N ASN B 47 -7.31 28.59 9.70
CA ASN B 47 -7.89 29.52 8.73
C ASN B 47 -7.68 29.05 7.29
N ASN B 48 -8.69 28.38 6.74
CA ASN B 48 -8.62 27.86 5.39
C ASN B 48 -10.00 27.60 4.79
N PRO B 49 -10.25 28.08 3.57
CA PRO B 49 -9.32 28.88 2.75
C PRO B 49 -9.23 30.34 3.18
N ALA B 50 -8.01 30.81 3.42
CA ALA B 50 -7.77 32.18 3.88
C ALA B 50 -7.25 33.04 2.74
N PRO B 51 -7.36 34.38 2.88
CA PRO B 51 -6.72 35.27 1.89
C PRO B 51 -5.20 35.08 1.89
N PHE B 52 -4.59 35.27 0.72
CA PHE B 52 -3.16 34.96 0.52
C PHE B 52 -2.24 35.64 1.54
N LEU B 53 -2.62 36.83 1.97
CA LEU B 53 -1.74 37.63 2.81
C LEU B 53 -2.00 37.38 4.30
N ALA B 54 -3.05 36.61 4.59
CA ALA B 54 -3.36 36.23 5.97
C ALA B 54 -2.28 35.33 6.54
N PRO B 55 -2.02 35.41 7.84
CA PRO B 55 -0.98 34.56 8.44
C PRO B 55 -1.37 33.08 8.43
N TYR B 56 -0.36 32.21 8.46
CA TYR B 56 -0.58 30.77 8.49
C TYR B 56 -0.72 30.29 9.93
N GLN B 57 -1.83 29.63 10.23
CA GLN B 57 -2.10 29.17 11.59
C GLN B 57 -2.36 27.67 11.63
N PHE B 58 -1.50 26.93 12.34
CA PHE B 58 -1.61 25.48 12.41
C PHE B 58 -1.80 24.98 13.83
N GLU B 59 -2.86 24.19 14.04
CA GLU B 59 -3.06 23.48 15.28
C GLU B 59 -2.30 22.16 15.22
N ILE B 60 -1.11 22.14 15.80
CA ILE B 60 -0.27 20.95 15.70
C ILE B 60 -0.40 20.05 16.93
N THR B 61 -0.66 18.77 16.67
CA THR B 61 -0.80 17.75 17.70
C THR B 61 0.26 16.66 17.55
N PHE B 62 1.21 16.63 18.47
CA PHE B 62 2.27 15.62 18.42
C PHE B 62 2.34 14.81 19.71
N GLU B 63 3.25 13.84 19.74
CA GLU B 63 3.42 12.96 20.90
C GLU B 63 4.88 12.90 21.33
N CYS B 64 5.11 12.75 22.63
CA CYS B 64 6.46 12.61 23.15
C CYS B 64 6.56 11.44 24.10
N LEU B 65 7.63 10.66 23.96
CA LEU B 65 7.82 9.45 24.75
C LEU B 65 8.56 9.72 26.06
N GLU B 66 9.52 10.65 26.03
CA GLU B 66 10.29 10.99 27.22
C GLU B 66 10.82 12.41 27.16
N GLN B 67 11.03 13.01 28.33
CA GLN B 67 11.58 14.37 28.42
C GLN B 67 12.92 14.48 27.72
N LEU B 68 13.18 15.63 27.12
CA LEU B 68 14.39 15.82 26.33
C LEU B 68 15.22 16.98 26.88
N GLN B 69 16.50 16.98 26.52
CA GLN B 69 17.41 18.02 26.96
C GLN B 69 17.19 19.32 26.18
N LYS B 70 17.20 19.22 24.86
CA LYS B 70 16.98 20.39 24.02
C LYS B 70 15.49 20.60 23.71
N ASP B 71 15.22 21.44 22.73
CA ASP B 71 13.85 21.80 22.38
C ASP B 71 13.48 21.33 20.97
N LEU B 72 12.26 21.62 20.56
CA LEU B 72 11.80 21.34 19.21
C LEU B 72 11.78 22.63 18.38
N GLU B 73 12.20 22.53 17.14
CA GLU B 73 12.21 23.70 16.25
C GLU B 73 11.30 23.44 15.05
N TRP B 74 10.48 24.43 14.72
CA TRP B 74 9.49 24.28 13.66
C TRP B 74 9.63 25.37 12.61
N LYS B 75 10.04 25.00 11.41
CA LYS B 75 10.16 25.97 10.31
C LYS B 75 9.01 25.82 9.32
N LEU B 76 8.66 26.90 8.65
CA LEU B 76 7.60 26.86 7.66
C LEU B 76 8.02 27.57 6.37
N THR B 77 8.48 26.79 5.40
CA THR B 77 8.99 27.35 4.15
C THR B 77 7.90 27.45 3.10
N TYR B 78 7.97 28.50 2.28
CA TYR B 78 7.06 28.68 1.15
C TYR B 78 7.84 28.63 -0.15
N VAL B 79 7.48 27.69 -1.02
CA VAL B 79 8.14 27.60 -2.32
C VAL B 79 7.47 28.55 -3.31
N GLY B 80 8.01 29.75 -3.43
CA GLY B 80 7.46 30.76 -4.30
C GLY B 80 7.55 30.35 -5.76
N SER B 81 8.67 29.75 -6.13
CA SER B 81 8.87 29.24 -7.48
C SER B 81 9.40 27.81 -7.46
N ALA B 82 8.73 26.95 -8.21
CA ALA B 82 9.10 25.54 -8.27
C ALA B 82 10.33 25.32 -9.12
N THR B 83 10.58 26.24 -10.05
CA THR B 83 11.69 26.13 -10.99
C THR B 83 13.03 26.04 -10.27
N SER B 84 13.20 26.83 -9.21
CA SER B 84 14.46 26.84 -8.49
C SER B 84 14.26 26.82 -6.97
N SER B 85 15.25 26.30 -6.26
CA SER B 85 15.21 26.24 -4.81
C SER B 85 15.67 27.56 -4.19
N GLU B 86 15.57 28.63 -4.98
CA GLU B 86 16.01 29.95 -4.54
C GLU B 86 14.86 30.79 -4.02
N TYR B 87 13.72 30.69 -4.69
CA TYR B 87 12.55 31.49 -4.35
C TYR B 87 11.80 30.92 -3.15
N ASP B 88 12.52 30.21 -2.29
CA ASP B 88 11.97 29.67 -1.06
C ASP B 88 12.06 30.71 0.05
N GLN B 89 10.98 30.86 0.81
CA GLN B 89 10.97 31.83 1.90
C GLN B 89 10.60 31.19 3.23
N GLU B 90 11.53 31.17 4.17
CA GLU B 90 11.24 30.69 5.51
C GLU B 90 10.37 31.72 6.23
N LEU B 91 9.08 31.44 6.32
CA LEU B 91 8.10 32.38 6.85
C LEU B 91 8.28 32.68 8.33
N ASP B 92 8.53 31.63 9.11
CA ASP B 92 8.75 31.81 10.56
C ASP B 92 9.46 30.60 11.16
N SER B 93 9.75 30.67 12.46
CA SER B 93 10.40 29.60 13.17
C SER B 93 10.12 29.67 14.67
N LEU B 94 9.24 28.81 15.16
CA LEU B 94 8.90 28.78 16.57
C LEU B 94 9.72 27.74 17.33
N LEU B 95 10.05 28.03 18.58
CA LEU B 95 10.78 27.10 19.42
C LEU B 95 9.90 26.61 20.56
N VAL B 96 9.96 25.32 20.85
CA VAL B 96 9.13 24.74 21.91
C VAL B 96 9.96 23.93 22.89
N GLY B 97 10.11 24.45 24.11
CA GLY B 97 10.87 23.78 25.14
C GLY B 97 10.47 24.19 26.55
N PRO B 98 10.48 23.23 27.49
CA PRO B 98 10.82 21.82 27.24
C PRO B 98 9.61 21.04 26.71
N ILE B 99 9.69 19.72 26.80
CA ILE B 99 8.65 18.87 26.23
C ILE B 99 8.02 17.96 27.28
N PRO B 100 6.69 18.04 27.42
CA PRO B 100 5.90 17.19 28.32
C PRO B 100 5.69 15.79 27.74
N VAL B 101 5.79 14.77 28.59
CA VAL B 101 5.58 13.40 28.16
C VAL B 101 4.10 13.13 27.88
N GLY B 102 3.81 12.66 26.66
CA GLY B 102 2.44 12.38 26.28
C GLY B 102 2.01 13.17 25.07
N VAL B 103 0.71 13.36 24.90
CA VAL B 103 0.16 14.09 23.76
C VAL B 103 0.14 15.60 24.02
N ASN B 104 0.60 16.36 23.03
CA ASN B 104 0.65 17.81 23.16
C ASN B 104 0.08 18.53 21.95
N LYS B 105 -0.72 19.56 22.20
CA LYS B 105 -1.22 20.43 21.15
C LYS B 105 -0.60 21.81 21.30
N PHE B 106 -0.47 22.54 20.19
CA PHE B 106 -0.08 23.95 20.27
C PHE B 106 -0.39 24.69 18.98
N LEU B 107 -0.44 26.02 19.07
CA LEU B 107 -0.74 26.86 17.92
C LEU B 107 0.54 27.35 17.25
N PHE B 108 0.51 27.42 15.93
CA PHE B 108 1.67 27.83 15.16
C PHE B 108 1.27 28.95 14.20
N GLU B 109 1.70 30.17 14.52
CA GLU B 109 1.43 31.29 13.62
C GLU B 109 2.69 31.67 12.86
N ALA B 110 2.53 31.97 11.57
CA ALA B 110 3.63 32.39 10.72
C ALA B 110 3.16 33.50 9.77
N ASP B 111 4.09 34.35 9.35
CA ASP B 111 3.75 35.50 8.52
C ASP B 111 3.68 35.14 7.03
N ALA B 112 2.75 35.77 6.32
CA ALA B 112 2.56 35.56 4.88
C ALA B 112 3.86 35.81 4.11
N PRO B 113 4.02 35.16 2.96
CA PRO B 113 5.25 35.30 2.15
C PRO B 113 5.39 36.67 1.49
N ASP B 114 6.62 37.07 1.21
CA ASP B 114 6.90 38.37 0.59
C ASP B 114 6.65 38.33 -0.92
N LEU B 115 5.87 39.29 -1.40
CA LEU B 115 5.53 39.38 -2.82
C LEU B 115 6.72 39.80 -3.66
N LYS B 116 7.69 40.46 -3.02
CA LYS B 116 8.86 40.97 -3.71
C LYS B 116 9.87 39.87 -4.02
N ARG B 117 9.67 38.69 -3.43
CA ARG B 117 10.56 37.56 -3.67
C ARG B 117 9.87 36.49 -4.49
N ILE B 118 8.66 36.79 -4.95
CA ILE B 118 7.91 35.86 -5.79
C ILE B 118 7.77 36.40 -7.20
N PRO B 119 8.10 35.56 -8.20
CA PRO B 119 7.85 35.91 -9.60
C PRO B 119 6.36 36.13 -9.86
N THR B 120 6.03 37.24 -10.49
CA THR B 120 4.63 37.63 -10.69
C THR B 120 3.87 36.68 -11.62
N SER B 121 4.58 35.69 -12.14
CA SER B 121 4.00 34.73 -13.07
C SER B 121 3.50 33.46 -12.38
N GLU B 122 4.31 32.92 -11.47
CA GLU B 122 3.99 31.65 -10.81
C GLU B 122 3.27 31.86 -9.49
N ILE B 123 2.93 33.10 -9.18
CA ILE B 123 2.31 33.41 -7.90
C ILE B 123 0.88 32.83 -7.84
N LEU B 124 0.08 33.08 -8.87
CA LEU B 124 -1.28 32.57 -8.91
C LEU B 124 -1.31 31.16 -9.50
N GLY B 125 -1.75 30.19 -8.70
CA GLY B 125 -1.84 28.82 -9.15
C GLY B 125 -1.53 27.80 -8.07
N VAL B 126 -0.82 26.75 -8.43
CA VAL B 126 -0.45 25.72 -7.46
C VAL B 126 1.03 25.85 -7.06
N THR B 127 1.32 25.61 -5.79
CA THR B 127 2.68 25.61 -5.27
C THR B 127 2.75 24.75 -4.01
N VAL B 128 3.85 24.88 -3.27
CA VAL B 128 4.11 23.97 -2.15
C VAL B 128 4.57 24.70 -0.90
N ILE B 129 4.05 24.28 0.26
CA ILE B 129 4.59 24.72 1.54
C ILE B 129 5.16 23.55 2.32
N LEU B 130 6.22 23.81 3.09
CA LEU B 130 6.92 22.77 3.84
C LEU B 130 7.01 23.10 5.32
N LEU B 131 6.24 22.37 6.13
CA LEU B 131 6.35 22.47 7.59
C LEU B 131 7.35 21.46 8.09
N THR B 132 8.52 21.94 8.48
CA THR B 132 9.59 21.05 8.91
C THR B 132 9.77 21.11 10.43
N CYS B 133 10.16 20.00 11.01
CA CYS B 133 10.48 19.96 12.44
C CYS B 133 11.80 19.27 12.69
N SER B 134 12.63 19.92 13.51
CA SER B 134 13.94 19.41 13.86
C SER B 134 14.15 19.40 15.37
N TYR B 135 15.06 18.55 15.84
CA TYR B 135 15.44 18.52 17.25
C TYR B 135 16.93 18.78 17.39
N ASP B 136 17.26 19.85 18.11
CA ASP B 136 18.64 20.29 18.29
C ASP B 136 19.31 20.53 16.93
N GLY B 137 18.52 21.00 15.97
CA GLY B 137 19.02 21.34 14.65
C GLY B 137 18.82 20.25 13.61
N ARG B 138 18.81 19.00 14.06
CA ARG B 138 18.73 17.84 13.17
C ARG B 138 17.31 17.57 12.69
N GLU B 139 17.04 17.94 11.44
CA GLU B 139 15.72 17.77 10.83
C GLU B 139 15.28 16.32 10.82
N PHE B 140 14.18 16.02 11.53
CA PHE B 140 13.73 14.64 11.68
C PHE B 140 12.31 14.42 11.15
N VAL B 141 11.55 15.49 10.94
CA VAL B 141 10.24 15.35 10.31
C VAL B 141 10.03 16.40 9.24
N ARG B 142 9.48 16.02 8.09
CA ARG B 142 9.17 17.01 7.07
C ARG B 142 7.79 16.78 6.47
N VAL B 143 6.90 17.77 6.63
CA VAL B 143 5.55 17.66 6.08
C VAL B 143 5.35 18.61 4.90
N GLY B 144 4.70 18.11 3.85
CA GLY B 144 4.48 18.91 2.65
C GLY B 144 3.02 19.08 2.29
N TYR B 145 2.63 20.32 1.98
CA TYR B 145 1.25 20.61 1.59
C TYR B 145 1.18 21.32 0.25
N TYR B 146 0.14 20.99 -0.52
CA TYR B 146 -0.14 21.67 -1.78
C TYR B 146 -1.01 22.90 -1.55
N VAL B 147 -0.62 24.01 -2.17
CA VAL B 147 -1.29 25.29 -2.00
C VAL B 147 -1.82 25.85 -3.32
N ASN B 148 -3.12 26.05 -3.40
CA ASN B 148 -3.68 26.66 -4.61
C ASN B 148 -4.12 28.10 -4.38
N ASN B 149 -3.45 29.04 -5.06
CA ASN B 149 -3.81 30.45 -5.00
C ASN B 149 -4.89 30.76 -6.05
N GLU B 150 -5.93 31.47 -5.63
CA GLU B 150 -7.10 31.66 -6.48
C GLU B 150 -7.80 33.00 -6.25
N TYR B 151 -8.30 33.60 -7.33
CA TYR B 151 -9.04 34.86 -7.25
C TYR B 151 -10.43 34.64 -6.66
N ASP B 152 -10.94 35.64 -5.96
CA ASP B 152 -12.23 35.53 -5.27
C ASP B 152 -13.41 35.64 -6.23
N SER B 153 -13.23 36.40 -7.31
CA SER B 153 -14.28 36.58 -8.30
C SER B 153 -13.99 35.78 -9.57
N GLU B 154 -15.04 35.32 -10.23
CA GLU B 154 -14.89 34.51 -11.43
C GLU B 154 -14.39 35.34 -12.61
N GLU B 155 -14.71 36.63 -12.58
CA GLU B 155 -14.28 37.55 -13.62
C GLU B 155 -12.76 37.73 -13.62
N LEU B 156 -12.18 37.80 -12.42
CA LEU B 156 -10.74 37.93 -12.27
C LEU B 156 -10.01 36.64 -12.61
N THR B 157 -10.69 35.50 -12.46
CA THR B 157 -10.12 34.22 -12.84
C THR B 157 -10.14 34.06 -14.35
N GLN B 158 -11.21 34.52 -14.98
CA GLN B 158 -11.33 34.45 -16.43
C GLN B 158 -10.43 35.47 -17.11
N ASP B 159 -10.36 36.67 -16.55
CA ASP B 159 -9.50 37.72 -17.10
C ASP B 159 -8.55 38.25 -16.03
N PRO B 160 -7.44 37.54 -15.78
CA PRO B 160 -6.44 37.94 -14.80
C PRO B 160 -5.60 39.13 -15.28
N PRO B 161 -5.54 40.20 -14.48
CA PRO B 161 -4.76 41.39 -14.80
C PRO B 161 -3.25 41.12 -14.74
N ALA B 162 -2.48 41.88 -15.52
CA ALA B 162 -1.03 41.75 -15.52
C ALA B 162 -0.43 42.14 -14.18
N LYS B 163 -1.11 43.07 -13.50
CA LYS B 163 -0.76 43.43 -12.14
C LYS B 163 -1.63 42.64 -11.18
N PRO B 164 -1.01 41.76 -10.40
CA PRO B 164 -1.71 40.85 -9.48
C PRO B 164 -2.47 41.58 -8.38
N ILE B 165 -3.78 41.34 -8.29
CA ILE B 165 -4.60 41.93 -7.23
C ILE B 165 -4.49 41.09 -5.97
N ILE B 166 -3.52 41.44 -5.12
CA ILE B 166 -3.19 40.65 -3.93
C ILE B 166 -4.36 40.59 -2.93
N GLU B 167 -5.09 41.69 -2.81
CA GLU B 167 -6.17 41.78 -1.84
C GLU B 167 -7.42 41.00 -2.27
N ARG B 168 -7.37 40.43 -3.47
CA ARG B 168 -8.48 39.64 -3.97
C ARG B 168 -8.05 38.19 -4.22
N ILE B 169 -6.93 37.80 -3.61
CA ILE B 169 -6.42 36.43 -3.77
C ILE B 169 -6.45 35.63 -2.48
N ARG B 170 -7.19 34.53 -2.51
CA ARG B 170 -7.26 33.62 -1.37
C ARG B 170 -6.46 32.35 -1.65
N ARG B 171 -5.89 31.78 -0.60
CA ARG B 171 -5.16 30.53 -0.72
C ARG B 171 -5.96 29.37 -0.15
N ASN B 172 -5.99 28.26 -0.88
CA ASN B 172 -6.61 27.05 -0.39
C ASN B 172 -5.61 25.91 -0.36
N ILE B 173 -5.32 25.40 0.83
CA ILE B 173 -4.31 24.36 0.96
C ILE B 173 -4.95 23.00 1.24
N LEU B 174 -4.41 21.97 0.59
CA LEU B 174 -4.96 20.62 0.72
C LEU B 174 -4.49 19.95 1.99
N ALA B 175 -5.40 19.70 2.92
CA ALA B 175 -5.04 19.11 4.20
C ALA B 175 -5.42 17.64 4.29
N GLU B 176 -6.06 17.13 3.23
CA GLU B 176 -6.51 15.74 3.22
C GLU B 176 -5.34 14.78 3.07
N LYS B 177 -4.34 15.18 2.26
CA LYS B 177 -3.18 14.32 2.04
C LYS B 177 -1.87 15.08 2.29
N PRO B 178 -1.50 15.22 3.57
CA PRO B 178 -0.19 15.78 3.92
C PRO B 178 0.93 14.81 3.60
N ARG B 179 1.96 15.26 2.88
CA ARG B 179 3.07 14.38 2.53
C ARG B 179 4.10 14.33 3.63
N VAL B 180 4.04 13.30 4.46
CA VAL B 180 4.89 13.19 5.64
C VAL B 180 6.13 12.33 5.40
N THR B 181 7.30 12.88 5.69
CA THR B 181 8.56 12.17 5.56
C THR B 181 9.31 12.11 6.89
N ARG B 182 9.62 10.89 7.33
CA ARG B 182 10.21 10.70 8.65
C ARG B 182 11.66 10.21 8.61
N PHE B 183 12.59 11.12 8.85
CA PHE B 183 13.99 10.77 9.01
C PHE B 183 14.28 10.32 10.43
N ALA B 184 14.98 9.20 10.57
CA ALA B 184 15.38 8.72 11.88
C ALA B 184 16.71 9.34 12.27
N ILE B 185 16.75 9.99 13.43
CA ILE B 185 17.95 10.68 13.89
C ILE B 185 18.36 10.26 15.29
N LYS B 186 19.49 10.79 15.76
CA LYS B 186 19.92 10.61 17.14
C LYS B 186 19.43 11.78 17.97
N TRP B 187 19.03 11.51 19.21
CA TRP B 187 18.43 12.53 20.05
C TRP B 187 19.39 13.05 21.12
N ASP B 188 19.42 12.35 22.26
CA ASP B 188 20.19 12.81 23.40
C ASP B 188 21.63 12.33 23.38
N PRO C 44 1.67 17.38 -29.40
CA PRO C 44 3.12 17.44 -29.65
C PRO C 44 3.89 16.33 -28.93
N GLY C 45 3.30 15.14 -28.86
CA GLY C 45 3.91 14.04 -28.14
C GLY C 45 3.08 13.65 -26.93
N THR C 46 1.99 14.40 -26.72
CA THR C 46 1.08 14.16 -25.61
C THR C 46 0.36 12.83 -25.75
N VAL C 47 0.52 11.97 -24.76
CA VAL C 47 0.01 10.61 -24.82
C VAL C 47 -0.89 10.30 -23.63
N ALA C 48 -2.04 9.68 -23.89
CA ALA C 48 -2.90 9.18 -22.84
C ALA C 48 -2.48 7.76 -22.48
N LEU C 49 -2.57 7.42 -21.19
CA LEU C 49 -2.10 6.12 -20.73
C LEU C 49 -3.24 5.11 -20.66
N ARG C 50 -2.89 3.83 -20.81
CA ARG C 50 -3.87 2.75 -20.79
C ARG C 50 -4.52 2.63 -19.43
N GLU C 51 -5.84 2.52 -19.43
CA GLU C 51 -6.61 2.35 -18.20
C GLU C 51 -6.20 1.08 -17.46
N ILE C 52 -5.93 1.23 -16.16
CA ILE C 52 -5.72 0.06 -15.33
C ILE C 52 -7.09 -0.53 -15.00
N ARG C 53 -7.40 -1.66 -15.62
CA ARG C 53 -8.69 -2.30 -15.38
C ARG C 53 -8.69 -2.95 -14.00
N ARG C 54 -7.57 -3.57 -13.65
CA ARG C 54 -7.44 -4.16 -12.32
C ARG C 54 -5.99 -4.16 -11.87
N PHE C 55 -5.78 -3.82 -10.62
CA PHE C 55 -4.45 -3.78 -10.03
C PHE C 55 -4.02 -5.17 -9.56
N GLN C 56 -2.73 -5.32 -9.31
CA GLN C 56 -2.24 -6.56 -8.70
C GLN C 56 -1.31 -6.22 -7.56
N LYS C 57 -0.99 -7.22 -6.74
CA LYS C 57 -0.28 -6.97 -5.50
C LYS C 57 1.23 -6.94 -5.70
N SER C 58 1.79 -8.00 -6.26
CA SER C 58 3.20 -7.98 -6.62
C SER C 58 3.33 -7.62 -8.10
N THR C 59 4.26 -6.72 -8.40
CA THR C 59 4.49 -6.27 -9.77
C THR C 59 5.96 -6.34 -10.13
N GLU C 60 6.25 -6.80 -11.34
CA GLU C 60 7.62 -6.85 -11.86
C GLU C 60 8.11 -5.43 -12.13
N LEU C 61 9.42 -5.25 -12.13
CA LEU C 61 10.00 -3.94 -12.43
C LEU C 61 9.77 -3.61 -13.90
N LEU C 62 9.93 -2.34 -14.24
CA LEU C 62 9.55 -1.87 -15.57
C LEU C 62 10.75 -1.43 -16.38
N ILE C 63 11.82 -1.04 -15.69
CA ILE C 63 13.04 -0.62 -16.36
C ILE C 63 13.90 -1.84 -16.70
N ARG C 64 14.39 -1.87 -17.93
CA ARG C 64 15.20 -2.98 -18.39
C ARG C 64 16.51 -3.08 -17.57
N LYS C 65 16.91 -4.32 -17.29
CA LYS C 65 18.03 -4.61 -16.41
C LYS C 65 19.35 -4.02 -16.89
N LEU C 66 19.71 -4.30 -18.14
CA LEU C 66 21.00 -3.84 -18.68
C LEU C 66 21.15 -2.31 -18.78
N PRO C 67 20.12 -1.59 -19.30
CA PRO C 67 20.24 -0.12 -19.32
C PRO C 67 20.45 0.47 -17.94
N PHE C 68 19.66 -0.01 -16.98
CA PHE C 68 19.80 0.43 -15.60
C PHE C 68 21.21 0.11 -15.10
N GLN C 69 21.70 -1.07 -15.42
CA GLN C 69 23.02 -1.49 -14.96
C GLN C 69 24.12 -0.56 -15.47
N ARG C 70 24.11 -0.28 -16.76
CA ARG C 70 25.17 0.54 -17.33
C ARG C 70 25.02 1.99 -16.87
N LEU C 71 23.80 2.41 -16.54
CA LEU C 71 23.60 3.73 -15.93
C LEU C 71 24.24 3.78 -14.54
N VAL C 72 24.04 2.73 -13.76
CA VAL C 72 24.65 2.64 -12.43
C VAL C 72 26.16 2.65 -12.54
N ARG C 73 26.70 1.93 -13.51
CA ARG C 73 28.14 1.89 -13.72
C ARG C 73 28.65 3.27 -14.11
N GLU C 74 27.87 4.01 -14.89
CA GLU C 74 28.26 5.35 -15.26
C GLU C 74 28.33 6.25 -14.05
N ILE C 75 27.30 6.18 -13.22
CA ILE C 75 27.21 7.04 -12.04
C ILE C 75 28.33 6.72 -11.06
N ALA C 76 28.61 5.44 -10.88
CA ALA C 76 29.71 5.02 -10.01
C ALA C 76 31.03 5.52 -10.58
N GLN C 77 31.18 5.43 -11.89
CA GLN C 77 32.37 5.88 -12.58
C GLN C 77 32.63 7.37 -12.31
N ASP C 78 31.59 8.17 -12.46
CA ASP C 78 31.71 9.63 -12.34
C ASP C 78 31.81 10.11 -10.91
N PHE C 79 31.58 9.21 -9.94
CA PHE C 79 31.71 9.55 -8.53
C PHE C 79 33.14 9.30 -8.09
N LYS C 80 33.97 8.88 -9.04
CA LYS C 80 35.37 8.59 -8.78
C LYS C 80 35.52 7.53 -7.69
N THR C 81 35.18 6.29 -8.02
CA THR C 81 35.40 5.19 -7.10
C THR C 81 35.85 3.96 -7.89
N ASP C 82 36.56 3.06 -7.21
CA ASP C 82 37.10 1.89 -7.90
C ASP C 82 36.36 0.61 -7.52
N LEU C 83 35.26 0.74 -6.78
CA LEU C 83 34.47 -0.44 -6.44
C LEU C 83 33.18 -0.49 -7.27
N ARG C 84 32.55 -1.65 -7.28
CA ARG C 84 31.36 -1.88 -8.09
C ARG C 84 30.29 -2.64 -7.31
N PHE C 85 29.06 -2.64 -7.83
CA PHE C 85 27.92 -3.18 -7.11
C PHE C 85 27.67 -4.66 -7.39
N GLN C 86 27.19 -5.38 -6.37
CA GLN C 86 26.70 -6.73 -6.57
C GLN C 86 25.46 -6.70 -7.44
N SER C 87 25.13 -7.83 -8.04
CA SER C 87 23.91 -7.92 -8.85
C SER C 87 22.68 -7.74 -7.97
N SER C 88 22.73 -8.31 -6.77
CA SER C 88 21.64 -8.17 -5.82
C SER C 88 21.50 -6.72 -5.40
N ALA C 89 22.64 -6.05 -5.27
CA ALA C 89 22.67 -4.65 -4.87
C ALA C 89 22.07 -3.76 -5.94
N ILE C 90 22.41 -4.01 -7.20
CA ILE C 90 21.84 -3.27 -8.33
C ILE C 90 20.34 -3.56 -8.41
N GLY C 91 19.97 -4.79 -8.05
CA GLY C 91 18.57 -5.16 -7.96
C GLY C 91 17.86 -4.26 -6.97
N ALA C 92 18.43 -4.15 -5.78
CA ALA C 92 17.86 -3.32 -4.72
C ALA C 92 17.76 -1.86 -5.14
N LEU C 93 18.84 -1.34 -5.71
CA LEU C 93 18.86 0.01 -6.25
C LEU C 93 17.69 0.23 -7.20
N GLN C 94 17.49 -0.69 -8.13
CA GLN C 94 16.40 -0.52 -9.09
C GLN C 94 15.05 -0.56 -8.39
N GLU C 95 14.90 -1.45 -7.42
CA GLU C 95 13.65 -1.54 -6.68
C GLU C 95 13.32 -0.18 -6.07
N SER C 96 14.29 0.39 -5.36
CA SER C 96 14.07 1.67 -4.70
C SER C 96 13.85 2.82 -5.68
N VAL C 97 14.55 2.78 -6.81
CA VAL C 97 14.40 3.79 -7.85
C VAL C 97 12.98 3.79 -8.40
N GLU C 98 12.46 2.61 -8.70
CA GLU C 98 11.13 2.52 -9.27
C GLU C 98 10.05 2.82 -8.22
N ALA C 99 10.32 2.49 -6.96
CA ALA C 99 9.41 2.85 -5.88
C ALA C 99 9.31 4.36 -5.75
N TYR C 100 10.48 5.00 -5.63
CA TYR C 100 10.60 6.44 -5.61
C TYR C 100 9.83 7.07 -6.77
N LEU C 101 10.01 6.52 -7.97
CA LEU C 101 9.36 7.06 -9.14
C LEU C 101 7.84 6.93 -9.11
N VAL C 102 7.33 5.77 -8.69
CA VAL C 102 5.89 5.60 -8.64
C VAL C 102 5.27 6.57 -7.65
N SER C 103 5.93 6.75 -6.51
CA SER C 103 5.43 7.71 -5.51
C SER C 103 5.44 9.13 -6.07
N LEU C 104 6.57 9.52 -6.66
CA LEU C 104 6.74 10.84 -7.23
C LEU C 104 5.69 11.12 -8.28
N PHE C 105 5.36 10.09 -9.06
CA PHE C 105 4.32 10.23 -10.07
C PHE C 105 2.95 10.35 -9.43
N GLU C 106 2.73 9.68 -8.30
CA GLU C 106 1.47 9.86 -7.58
C GLU C 106 1.31 11.32 -7.18
N ASP C 107 2.36 11.87 -6.55
CA ASP C 107 2.33 13.27 -6.14
C ASP C 107 2.14 14.20 -7.33
N THR C 108 2.78 13.84 -8.46
CA THR C 108 2.68 14.65 -9.66
C THR C 108 1.26 14.68 -10.19
N ASN C 109 0.64 13.51 -10.28
CA ASN C 109 -0.74 13.42 -10.71
C ASN C 109 -1.63 14.24 -9.80
N LEU C 110 -1.33 14.19 -8.51
CA LEU C 110 -2.10 14.96 -7.53
C LEU C 110 -1.99 16.47 -7.80
N ALA C 111 -0.77 16.92 -8.05
CA ALA C 111 -0.52 18.32 -8.35
C ALA C 111 -1.25 18.75 -9.61
N ALA C 112 -1.26 17.87 -10.60
CA ALA C 112 -1.92 18.16 -11.87
C ALA C 112 -3.43 18.20 -11.70
N ILE C 113 -3.94 17.42 -10.75
CA ILE C 113 -5.37 17.44 -10.45
C ILE C 113 -5.70 18.76 -9.79
N HIS C 114 -4.84 19.22 -8.89
CA HIS C 114 -5.07 20.47 -8.17
C HIS C 114 -4.94 21.71 -9.04
N ALA C 115 -4.41 21.54 -10.24
CA ALA C 115 -4.37 22.62 -11.21
C ALA C 115 -5.57 22.48 -12.15
N LYS C 116 -6.46 21.56 -11.79
CA LYS C 116 -7.64 21.21 -12.58
C LYS C 116 -7.25 20.81 -13.99
N ARG C 117 -6.36 19.83 -14.08
CA ARG C 117 -5.89 19.29 -15.36
C ARG C 117 -5.78 17.77 -15.30
N VAL C 118 -5.61 17.15 -16.45
CA VAL C 118 -5.44 15.70 -16.53
C VAL C 118 -4.03 15.35 -16.98
N THR C 119 -3.48 16.19 -17.85
CA THR C 119 -2.13 16.00 -18.36
C THR C 119 -1.08 16.61 -17.43
N ILE C 120 -0.13 15.80 -16.98
CA ILE C 120 0.92 16.28 -16.10
C ILE C 120 2.03 16.96 -16.89
N GLN C 121 2.70 17.92 -16.26
CA GLN C 121 3.77 18.67 -16.90
C GLN C 121 5.02 18.68 -16.04
N LYS C 122 6.07 19.26 -16.59
CA LYS C 122 7.37 19.36 -15.93
C LYS C 122 7.24 19.98 -14.54
N LYS C 123 6.55 21.11 -14.50
CA LYS C 123 6.35 21.87 -13.27
C LYS C 123 5.68 21.01 -12.21
N ASP C 124 4.80 20.12 -12.64
CA ASP C 124 4.11 19.22 -11.72
C ASP C 124 5.11 18.31 -11.03
N ILE C 125 6.08 17.82 -11.80
CA ILE C 125 7.08 16.94 -11.25
C ILE C 125 8.01 17.68 -10.31
N LYS C 126 8.40 18.90 -10.69
CA LYS C 126 9.23 19.71 -9.81
C LYS C 126 8.52 19.94 -8.47
N LEU C 127 7.24 20.28 -8.56
CA LEU C 127 6.41 20.50 -7.38
C LEU C 127 6.30 19.23 -6.54
N ALA C 128 6.23 18.08 -7.21
CA ALA C 128 6.12 16.81 -6.50
C ALA C 128 7.42 16.56 -5.74
N ARG C 129 8.54 16.93 -6.35
CA ARG C 129 9.84 16.81 -5.71
C ARG C 129 9.90 17.65 -4.46
N ARG C 130 9.53 18.92 -4.59
CA ARG C 130 9.54 19.81 -3.43
C ARG C 130 8.61 19.30 -2.34
N LEU C 131 7.43 18.86 -2.74
CA LEU C 131 6.43 18.32 -1.82
C LEU C 131 7.01 17.17 -1.01
N ARG C 132 7.72 16.27 -1.69
CA ARG C 132 8.31 15.11 -1.01
C ARG C 132 9.28 15.55 0.07
N GLY C 133 9.98 16.65 -0.19
CA GLY C 133 10.92 17.19 0.78
C GLY C 133 12.31 17.32 0.20
N GLU C 134 12.38 17.61 -1.10
CA GLU C 134 13.66 17.82 -1.75
C GLU C 134 13.94 19.31 -1.93
N ARG C 135 15.11 19.62 -2.48
CA ARG C 135 15.54 21.01 -2.65
C ARG C 135 16.08 21.25 -4.06
N LYS D 21 34.80 16.14 -27.26
CA LYS D 21 34.76 16.48 -25.84
C LYS D 21 33.40 16.17 -25.23
N ILE D 22 32.45 15.76 -26.07
CA ILE D 22 31.11 15.40 -25.61
C ILE D 22 30.91 13.88 -25.63
N LEU D 23 30.71 13.30 -24.46
CA LEU D 23 30.53 11.86 -24.33
C LEU D 23 29.05 11.51 -24.21
N ARG D 24 28.74 10.21 -24.19
CA ARG D 24 27.35 9.77 -24.12
C ARG D 24 26.84 9.73 -22.67
N ASP D 25 25.54 9.93 -22.51
CA ASP D 25 24.91 9.81 -21.20
C ASP D 25 23.90 8.67 -21.22
N ASN D 26 24.12 7.68 -20.37
CA ASN D 26 23.27 6.48 -20.35
C ASN D 26 21.86 6.73 -19.84
N ILE D 27 21.64 7.90 -19.23
CA ILE D 27 20.32 8.23 -18.71
C ILE D 27 19.32 8.45 -19.85
N GLN D 28 19.85 8.80 -21.02
CA GLN D 28 19.01 8.97 -22.20
C GLN D 28 18.69 7.60 -22.80
N GLY D 29 19.21 6.56 -22.16
CA GLY D 29 19.00 5.20 -22.63
C GLY D 29 17.81 4.54 -21.97
N ILE D 30 17.31 5.19 -20.92
CA ILE D 30 16.07 4.74 -20.29
C ILE D 30 14.88 5.23 -21.12
N THR D 31 14.26 4.30 -21.83
CA THR D 31 13.29 4.62 -22.85
C THR D 31 12.02 5.27 -22.33
N LYS D 32 11.37 6.03 -23.19
CA LYS D 32 10.11 6.67 -22.85
C LYS D 32 8.97 5.70 -22.52
N PRO D 33 8.82 4.59 -23.28
CA PRO D 33 7.73 3.68 -22.92
C PRO D 33 7.79 3.16 -21.47
N ALA D 34 9.00 2.94 -20.96
CA ALA D 34 9.13 2.50 -19.58
C ALA D 34 8.69 3.61 -18.64
N ILE D 35 9.05 4.85 -19.00
CA ILE D 35 8.65 6.00 -18.19
C ILE D 35 7.14 6.09 -18.13
N ARG D 36 6.51 5.96 -19.28
CA ARG D 36 5.05 6.03 -19.37
C ARG D 36 4.38 4.89 -18.62
N ARG D 37 5.01 3.72 -18.61
CA ARG D 37 4.47 2.59 -17.85
C ARG D 37 4.57 2.88 -16.35
N LEU D 38 5.66 3.51 -15.93
CA LEU D 38 5.84 3.90 -14.54
C LEU D 38 4.81 4.96 -14.14
N ALA D 39 4.57 5.90 -15.04
CA ALA D 39 3.59 6.95 -14.84
C ALA D 39 2.20 6.35 -14.70
N ARG D 40 1.87 5.41 -15.59
CA ARG D 40 0.59 4.73 -15.54
C ARG D 40 0.43 4.01 -14.21
N ARG D 41 1.51 3.39 -13.76
CA ARG D 41 1.50 2.68 -12.48
C ARG D 41 1.27 3.65 -11.31
N GLY D 42 1.77 4.87 -11.46
CA GLY D 42 1.61 5.89 -10.44
C GLY D 42 0.24 6.53 -10.47
N GLY D 43 -0.60 6.09 -11.39
CA GLY D 43 -1.97 6.55 -11.46
C GLY D 43 -2.21 7.73 -12.38
N VAL D 44 -1.22 8.06 -13.20
CA VAL D 44 -1.35 9.16 -14.16
C VAL D 44 -2.25 8.75 -15.32
N LYS D 45 -2.99 9.69 -15.88
CA LYS D 45 -3.92 9.41 -16.98
C LYS D 45 -3.41 9.90 -18.35
N ARG D 46 -2.90 11.13 -18.39
CA ARG D 46 -2.30 11.68 -19.61
C ARG D 46 -1.02 12.43 -19.28
N ILE D 47 -0.03 12.36 -20.16
CA ILE D 47 1.22 13.06 -19.93
C ILE D 47 1.61 13.94 -21.11
N SER D 48 2.46 14.93 -20.84
CA SER D 48 2.96 15.82 -21.88
C SER D 48 4.11 15.16 -22.62
N GLY D 49 4.39 15.62 -23.83
CA GLY D 49 5.49 15.08 -24.61
C GLY D 49 6.83 15.56 -24.10
N LEU D 50 6.83 16.74 -23.47
CA LEU D 50 8.08 17.36 -23.04
C LEU D 50 8.34 17.15 -21.55
N ILE D 51 8.07 15.94 -21.07
CA ILE D 51 8.24 15.67 -19.65
C ILE D 51 9.41 14.72 -19.39
N TYR D 52 9.76 13.94 -20.41
CA TYR D 52 10.69 12.84 -20.21
C TYR D 52 12.06 13.30 -19.75
N GLU D 53 12.51 14.45 -20.25
CA GLU D 53 13.83 14.96 -19.87
C GLU D 53 13.91 15.22 -18.37
N GLU D 54 12.88 15.87 -17.84
CA GLU D 54 12.82 16.16 -16.42
C GLU D 54 12.78 14.89 -15.60
N VAL D 55 12.01 13.92 -16.09
CA VAL D 55 11.90 12.62 -15.43
C VAL D 55 13.27 11.95 -15.31
N ARG D 56 13.98 11.90 -16.43
CA ARG D 56 15.31 11.33 -16.48
C ARG D 56 16.24 12.05 -15.52
N ALA D 57 16.07 13.38 -15.44
CA ALA D 57 16.85 14.20 -14.51
C ALA D 57 16.64 13.79 -13.06
N VAL D 58 15.36 13.65 -12.67
CA VAL D 58 15.01 13.29 -11.30
C VAL D 58 15.50 11.90 -10.93
N LEU D 59 15.23 10.94 -11.81
CA LEU D 59 15.70 9.58 -11.66
C LEU D 59 17.20 9.60 -11.39
N LYS D 60 17.95 10.24 -12.29
CA LYS D 60 19.40 10.28 -12.18
C LYS D 60 19.85 10.91 -10.87
N SER D 61 19.17 11.95 -10.43
CA SER D 61 19.54 12.63 -9.18
C SER D 61 19.38 11.71 -7.96
N PHE D 62 18.22 11.06 -7.87
CA PHE D 62 17.97 10.14 -6.77
C PHE D 62 18.98 9.00 -6.76
N LEU D 63 19.16 8.39 -7.92
CA LEU D 63 20.09 7.28 -8.06
C LEU D 63 21.48 7.71 -7.65
N GLU D 64 21.89 8.90 -8.09
CA GLU D 64 23.15 9.50 -7.67
C GLU D 64 23.26 9.50 -6.16
N SER D 65 22.29 10.13 -5.49
CA SER D 65 22.33 10.24 -4.03
C SER D 65 22.48 8.89 -3.33
N VAL D 66 21.63 7.93 -3.68
CA VAL D 66 21.68 6.61 -3.03
C VAL D 66 22.99 5.88 -3.28
N ILE D 67 23.43 5.90 -4.54
CA ILE D 67 24.69 5.27 -4.92
C ILE D 67 25.83 5.86 -4.11
N ARG D 68 25.85 7.19 -4.01
CA ARG D 68 26.95 7.86 -3.33
C ARG D 68 26.96 7.49 -1.86
N ASP D 69 25.81 7.49 -1.22
CA ASP D 69 25.73 7.08 0.19
C ASP D 69 26.22 5.65 0.40
N SER D 70 25.71 4.73 -0.41
CA SER D 70 26.08 3.32 -0.27
C SER D 70 27.56 3.08 -0.54
N VAL D 71 28.08 3.72 -1.58
CA VAL D 71 29.49 3.61 -1.93
C VAL D 71 30.35 4.12 -0.80
N THR D 72 29.97 5.26 -0.23
CA THR D 72 30.66 5.83 0.91
C THR D 72 30.73 4.85 2.06
N TYR D 73 29.58 4.28 2.40
CA TYR D 73 29.50 3.32 3.50
C TYR D 73 30.39 2.11 3.24
N THR D 74 30.41 1.64 2.00
CA THR D 74 31.21 0.48 1.64
C THR D 74 32.70 0.79 1.79
N GLU D 75 33.12 1.92 1.22
CA GLU D 75 34.50 2.38 1.29
C GLU D 75 34.97 2.45 2.74
N HIS D 76 34.17 3.09 3.60
CA HIS D 76 34.55 3.18 5.01
C HIS D 76 34.65 1.81 5.65
N ALA D 77 33.82 0.89 5.20
CA ALA D 77 33.84 -0.47 5.71
C ALA D 77 35.08 -1.20 5.21
N LYS D 78 35.82 -0.54 4.34
CA LYS D 78 37.06 -1.06 3.78
C LYS D 78 36.83 -2.34 2.99
N ARG D 79 35.81 -2.31 2.13
CA ARG D 79 35.48 -3.45 1.27
C ARG D 79 35.40 -3.00 -0.18
N LYS D 80 35.55 -3.94 -1.11
CA LYS D 80 35.71 -3.61 -2.51
C LYS D 80 34.43 -3.80 -3.33
N THR D 81 33.34 -4.15 -2.67
CA THR D 81 32.08 -4.41 -3.36
C THR D 81 30.88 -3.98 -2.53
N VAL D 82 29.95 -3.28 -3.17
CA VAL D 82 28.75 -2.81 -2.48
C VAL D 82 27.71 -3.93 -2.35
N THR D 83 27.48 -4.36 -1.11
CA THR D 83 26.47 -5.38 -0.82
C THR D 83 25.08 -4.75 -0.83
N SER D 84 24.06 -5.56 -1.05
CA SER D 84 22.67 -5.09 -1.05
C SER D 84 22.30 -4.41 0.28
N LEU D 85 22.89 -4.89 1.38
CA LEU D 85 22.66 -4.31 2.69
C LEU D 85 23.26 -2.91 2.80
N ASP D 86 24.33 -2.65 2.05
CA ASP D 86 24.91 -1.32 2.02
C ASP D 86 23.94 -0.36 1.34
N VAL D 87 23.25 -0.88 0.33
CA VAL D 87 22.23 -0.10 -0.36
C VAL D 87 21.04 0.16 0.57
N VAL D 88 20.67 -0.84 1.35
CA VAL D 88 19.63 -0.64 2.37
C VAL D 88 20.03 0.45 3.34
N TYR D 89 21.25 0.35 3.86
CA TYR D 89 21.81 1.37 4.74
C TYR D 89 21.67 2.75 4.09
N ALA D 90 22.00 2.84 2.82
CA ALA D 90 21.92 4.10 2.09
C ALA D 90 20.49 4.61 2.01
N LEU D 91 19.55 3.69 1.83
CA LEU D 91 18.15 4.05 1.65
C LEU D 91 17.50 4.48 2.96
N LYS D 92 18.02 3.97 4.07
CA LYS D 92 17.52 4.36 5.38
C LYS D 92 17.81 5.83 5.66
N ARG D 93 18.79 6.38 4.96
CA ARG D 93 19.15 7.79 5.09
C ARG D 93 18.27 8.65 4.18
N GLN D 94 17.43 8.00 3.40
CA GLN D 94 16.54 8.71 2.49
C GLN D 94 15.20 9.03 3.14
N GLY D 95 15.00 8.48 4.33
CA GLY D 95 13.77 8.70 5.06
C GLY D 95 12.64 7.85 4.51
N ARG D 96 11.49 7.92 5.18
CA ARG D 96 10.33 7.13 4.79
C ARG D 96 9.16 8.05 4.50
N THR D 97 8.53 7.87 3.33
CA THR D 97 7.47 8.78 2.92
C THR D 97 6.10 8.09 2.86
N LEU D 98 5.12 8.68 3.53
CA LEU D 98 3.77 8.12 3.58
C LEU D 98 2.70 9.19 3.41
N TYR D 99 1.44 8.77 3.57
CA TYR D 99 0.31 9.69 3.64
C TYR D 99 -0.30 9.68 5.03
N GLY D 100 -0.54 10.87 5.57
CA GLY D 100 -1.16 10.98 6.88
C GLY D 100 -0.22 10.69 8.03
N PHE D 101 -0.77 10.64 9.24
CA PHE D 101 0.04 10.47 10.45
C PHE D 101 -0.31 9.20 11.22
N GLY D 102 -1.58 8.82 11.19
CA GLY D 102 -2.04 7.63 11.87
C GLY D 102 -2.23 7.84 13.37
#